data_1HJW
#
_entry.id   1HJW
#
_cell.length_a   109.485
_cell.length_b   123.629
_cell.length_c   136.217
_cell.angle_alpha   90.00
_cell.angle_beta   90.00
_cell.angle_gamma   90.00
#
_symmetry.space_group_name_H-M   'I 21 21 21'
#
loop_
_entity.id
_entity.type
_entity.pdbx_description
1 polymer 'CHITINASE-3 LIKE PROTEIN 1'
2 branched 2-acetamido-2-deoxy-beta-D-glucopyranose-(1-4)-2-acetamido-2-deoxy-beta-D-glucopyranose-(1-4)-2-acetamido-2-deoxy-beta-D-glucopyranose-(1-4)-2-acetamido-2-deoxy-beta-D-glucopyranose-(1-4)-2-acetamido-2-deoxy-beta-D-glucopyranose-(1-4)-2-acetamido-2-deoxy-beta-D-glucopyranose
3 branched 2-acetamido-2-deoxy-beta-D-glucopyranose-(1-4)-2-acetamido-2-deoxy-beta-D-glucopyranose
4 branched 2-acetamido-2-deoxy-beta-D-glucopyranose-(1-4)-2-acetamido-2-deoxy-beta-D-glucopyranose-(1-4)-2-acetamido-2-deoxy-beta-D-glucopyranose-(1-4)-2-acetamido-2-deoxy-beta-D-glucopyranose-(1-4)-2-acetamido-2-deoxy-beta-D-glucopyranose
5 non-polymer GLYCEROL
6 non-polymer 'SULFATE ION'
7 non-polymer 2-acetamido-2-deoxy-beta-D-glucopyranose
8 water water
#
_entity_poly.entity_id   1
_entity_poly.type   'polypeptide(L)'
_entity_poly.pdbx_seq_one_letter_code
;YKLVCYYTSWSQYREGDGSCFPDALDRFLCTHIIYSFANISNDHIDTWEWNDVTLYGMLNTLKNRNPNLKTLLSVGGWNF
GSQRFSKIASNTQSRRTFIKSVPPFLRTHGFDGLDLAWLYPGRRDKQHFTTLIKEMKAEFIKEAQPGKKQLLLSAALSAG
KVTIDSSYDIAKISQHLDFISIMTYDFHGAWRGTTGHHSPLFRGQEDASPDRFSNTDYAVGYMLRLGAPASKLVMGIPTF
GRSFTLASSETGVGAPISGPGIPGRFTKEAGTLAYYEICDFLRGATVHRILGQQVPYATKGNQWVGYDDQESVKSKVQYL
KDRQLAGAMVWALDLDDFQGSFCGQDLRFPLTNAIKDALAAT
;
_entity_poly.pdbx_strand_id   A,B
#
# COMPACT_ATOMS: atom_id res chain seq x y z
N TYR A 1 -16.98 29.59 17.02
CA TYR A 1 -16.26 28.57 16.20
C TYR A 1 -16.11 29.05 14.76
N LYS A 2 -15.25 28.38 14.00
CA LYS A 2 -15.05 28.71 12.60
C LYS A 2 -15.79 27.68 11.79
N LEU A 3 -16.32 28.09 10.63
CA LEU A 3 -17.01 27.17 9.74
C LEU A 3 -16.49 27.50 8.35
N VAL A 4 -15.40 26.82 8.01
CA VAL A 4 -14.69 26.98 6.78
C VAL A 4 -15.22 26.04 5.75
N CYS A 5 -15.76 26.60 4.68
CA CYS A 5 -16.37 25.85 3.61
C CYS A 5 -15.73 26.08 2.26
N TYR A 6 -15.43 24.98 1.58
CA TYR A 6 -14.82 25.03 0.27
C TYR A 6 -15.87 25.08 -0.84
N TYR A 7 -15.54 25.83 -1.88
CA TYR A 7 -16.36 25.96 -3.09
C TYR A 7 -15.37 25.67 -4.20
N THR A 8 -15.75 24.78 -5.12
CA THR A 8 -14.87 24.41 -6.20
C THR A 8 -15.27 25.04 -7.54
N SER A 9 -14.29 25.65 -8.21
CA SER A 9 -14.48 26.32 -9.48
C SER A 9 -15.09 25.40 -10.55
N TRP A 10 -14.88 24.10 -10.42
CA TRP A 10 -15.38 23.17 -11.43
C TRP A 10 -16.82 22.68 -11.29
N SER A 11 -17.49 23.00 -10.19
CA SER A 11 -18.88 22.56 -10.00
C SER A 11 -19.84 23.30 -10.91
N GLN A 12 -19.40 24.44 -11.43
CA GLN A 12 -20.25 25.24 -12.30
C GLN A 12 -20.60 24.43 -13.54
N TYR A 13 -19.67 23.56 -13.92
CA TYR A 13 -19.82 22.74 -15.11
C TYR A 13 -20.75 21.53 -14.98
N ARG A 14 -21.26 21.27 -13.78
CA ARG A 14 -22.12 20.11 -13.60
C ARG A 14 -23.49 20.23 -14.26
N GLU A 15 -23.90 19.14 -14.91
CA GLU A 15 -25.18 19.04 -15.60
C GLU A 15 -26.40 19.47 -14.79
N GLY A 16 -27.32 20.13 -15.48
CA GLY A 16 -28.55 20.57 -14.89
C GLY A 16 -28.48 21.10 -13.47
N ASP A 17 -29.18 20.41 -12.57
CA ASP A 17 -29.22 20.82 -11.17
C ASP A 17 -27.90 20.65 -10.41
N GLY A 18 -26.93 20.02 -11.03
CA GLY A 18 -25.63 19.85 -10.42
C GLY A 18 -24.82 21.15 -10.49
N SER A 19 -25.12 21.98 -11.50
CA SER A 19 -24.43 23.26 -11.70
C SER A 19 -24.43 24.18 -10.50
N CYS A 20 -23.25 24.49 -9.99
CA CYS A 20 -23.18 25.37 -8.83
C CYS A 20 -22.30 26.60 -9.10
N PHE A 21 -22.87 27.78 -8.85
CA PHE A 21 -22.17 29.06 -9.01
C PHE A 21 -22.18 29.72 -7.63
N PRO A 22 -21.16 30.54 -7.34
CA PRO A 22 -21.03 31.22 -6.06
C PRO A 22 -22.26 31.96 -5.54
N ASP A 23 -23.10 32.47 -6.44
CA ASP A 23 -24.30 33.22 -6.03
C ASP A 23 -25.36 32.26 -5.48
N ALA A 24 -25.10 30.96 -5.62
CA ALA A 24 -26.01 29.95 -5.10
C ALA A 24 -25.60 29.66 -3.65
N LEU A 25 -24.52 30.29 -3.21
CA LEU A 25 -24.06 30.05 -1.85
C LEU A 25 -24.77 30.95 -0.89
N ASP A 26 -25.09 30.40 0.27
CA ASP A 26 -25.78 31.16 1.32
C ASP A 26 -24.71 31.95 2.05
N ARG A 27 -24.71 33.26 1.81
CA ARG A 27 -23.74 34.15 2.44
C ARG A 27 -23.73 34.03 3.95
N PHE A 28 -24.79 33.48 4.54
CA PHE A 28 -24.84 33.36 6.00
C PHE A 28 -24.49 32.00 6.57
N LEU A 29 -24.29 31.02 5.70
CA LEU A 29 -23.96 29.65 6.14
C LEU A 29 -22.64 29.48 6.89
N CYS A 30 -21.55 29.93 6.29
CA CYS A 30 -20.19 29.79 6.83
C CYS A 30 -19.53 31.06 7.35
N THR A 31 -18.43 30.90 8.11
CA THR A 31 -17.71 32.06 8.61
C THR A 31 -16.60 32.35 7.59
N HIS A 32 -16.23 31.30 6.83
CA HIS A 32 -15.22 31.40 5.77
C HIS A 32 -15.55 30.55 4.54
N ILE A 33 -15.36 31.11 3.36
CA ILE A 33 -15.56 30.33 2.16
C ILE A 33 -14.23 30.37 1.41
N ILE A 34 -13.73 29.19 1.05
CA ILE A 34 -12.46 29.07 0.34
C ILE A 34 -12.66 28.65 -1.10
N TYR A 35 -12.29 29.54 -2.01
CA TYR A 35 -12.43 29.29 -3.41
C TYR A 35 -11.26 28.40 -3.91
N SER A 36 -11.60 27.29 -4.53
CA SER A 36 -10.58 26.38 -5.01
C SER A 36 -10.80 25.94 -6.44
N PHE A 37 -9.74 25.98 -7.25
CA PHE A 37 -8.40 26.41 -6.82
C PHE A 37 -7.76 27.49 -7.74
N ALA A 38 -6.72 28.16 -7.24
CA ALA A 38 -5.97 29.12 -8.06
C ALA A 38 -4.75 28.33 -8.62
N ASN A 39 -4.20 28.79 -9.74
CA ASN A 39 -3.05 28.13 -10.35
C ASN A 39 -1.77 28.87 -9.95
N ILE A 40 -0.65 28.38 -10.46
CA ILE A 40 0.65 29.04 -10.26
C ILE A 40 1.29 28.98 -11.64
N SER A 41 1.40 30.14 -12.29
CA SER A 41 1.98 30.21 -13.62
C SER A 41 3.19 31.13 -13.61
N ASN A 42 4.29 30.62 -14.14
CA ASN A 42 5.54 31.36 -14.16
C ASN A 42 5.84 31.91 -12.78
N ASP A 43 5.62 31.04 -11.78
CA ASP A 43 5.91 31.37 -10.39
C ASP A 43 5.06 32.47 -9.78
N HIS A 44 3.94 32.78 -10.42
CA HIS A 44 3.02 33.80 -9.92
C HIS A 44 1.68 33.12 -9.65
N ILE A 45 0.95 33.59 -8.65
CA ILE A 45 -0.36 33.02 -8.39
C ILE A 45 -1.25 33.55 -9.53
N ASP A 46 -2.01 32.68 -10.17
CA ASP A 46 -2.89 33.10 -11.28
C ASP A 46 -4.30 32.50 -11.23
N THR A 47 -5.13 32.83 -12.22
CA THR A 47 -6.47 32.28 -12.28
C THR A 47 -6.39 30.89 -12.90
N TRP A 48 -7.47 30.11 -12.76
CA TRP A 48 -7.51 28.74 -13.30
C TRP A 48 -8.62 28.58 -14.36
N GLU A 49 -9.85 28.91 -14.00
CA GLU A 49 -10.97 28.84 -14.93
C GLU A 49 -11.02 30.17 -15.72
N TRP A 50 -11.47 30.07 -16.97
CA TRP A 50 -11.57 31.23 -17.87
C TRP A 50 -12.35 32.39 -17.24
N ASN A 51 -13.35 32.05 -16.43
CA ASN A 51 -14.19 33.06 -15.79
C ASN A 51 -13.99 33.18 -14.29
N ASP A 52 -12.82 32.79 -13.78
CA ASP A 52 -12.58 32.86 -12.34
C ASP A 52 -12.87 34.28 -11.87
N VAL A 53 -12.34 35.26 -12.60
CA VAL A 53 -12.56 36.64 -12.24
C VAL A 53 -14.05 36.88 -12.03
N THR A 54 -14.88 36.39 -12.94
CA THR A 54 -16.32 36.60 -12.75
C THR A 54 -16.76 35.92 -11.46
N LEU A 55 -16.36 34.67 -11.28
CA LEU A 55 -16.74 33.91 -10.10
C LEU A 55 -16.18 34.49 -8.79
N TYR A 56 -14.94 34.97 -8.79
CA TYR A 56 -14.40 35.54 -7.57
C TYR A 56 -15.31 36.68 -7.17
N GLY A 57 -15.84 37.39 -8.16
CA GLY A 57 -16.72 38.50 -7.87
C GLY A 57 -18.03 38.06 -7.25
N MET A 58 -18.70 37.08 -7.87
CA MET A 58 -19.95 36.55 -7.35
C MET A 58 -19.74 36.13 -5.89
N LEU A 59 -18.64 35.42 -5.63
CA LEU A 59 -18.31 34.97 -4.29
C LEU A 59 -18.10 36.15 -3.34
N ASN A 60 -17.29 37.11 -3.76
CA ASN A 60 -17.04 38.23 -2.86
C ASN A 60 -18.23 39.17 -2.59
N THR A 61 -19.17 39.22 -3.54
CA THR A 61 -20.38 40.04 -3.37
C THR A 61 -21.14 39.56 -2.14
N LEU A 62 -21.07 38.26 -1.91
CA LEU A 62 -21.73 37.65 -0.77
C LEU A 62 -21.36 38.33 0.53
N LYS A 63 -20.26 39.08 0.50
CA LYS A 63 -19.76 39.78 1.68
C LYS A 63 -20.48 41.12 1.93
N ASN A 64 -21.30 41.54 0.96
CA ASN A 64 -22.02 42.80 1.04
C ASN A 64 -23.08 42.82 2.14
N ARG A 65 -23.97 41.84 2.16
CA ARG A 65 -24.96 41.77 3.23
C ARG A 65 -24.30 41.17 4.48
N ASN A 66 -23.09 40.62 4.35
CA ASN A 66 -22.40 40.01 5.48
C ASN A 66 -20.95 40.43 5.62
N PRO A 67 -20.72 41.57 6.28
CA PRO A 67 -19.40 42.16 6.53
C PRO A 67 -18.33 41.24 7.16
N ASN A 68 -18.71 40.45 8.16
CA ASN A 68 -17.73 39.57 8.78
C ASN A 68 -17.50 38.21 8.11
N LEU A 69 -18.07 38.02 6.93
CA LEU A 69 -17.85 36.78 6.21
C LEU A 69 -16.46 36.95 5.60
N LYS A 70 -15.64 35.91 5.70
CA LYS A 70 -14.30 35.97 5.13
C LYS A 70 -14.15 35.00 3.95
N THR A 71 -13.37 35.41 2.95
CA THR A 71 -13.13 34.57 1.78
C THR A 71 -11.63 34.34 1.61
N LEU A 72 -11.29 33.18 1.07
CA LEU A 72 -9.90 32.86 0.84
C LEU A 72 -9.80 32.15 -0.48
N LEU A 73 -8.63 32.28 -1.10
CA LEU A 73 -8.34 31.63 -2.36
C LEU A 73 -7.33 30.52 -2.03
N SER A 74 -7.70 29.29 -2.38
CA SER A 74 -6.86 28.10 -2.14
C SER A 74 -6.01 27.79 -3.36
N VAL A 75 -4.70 27.62 -3.14
CA VAL A 75 -3.81 27.25 -4.23
C VAL A 75 -3.33 25.81 -4.01
N GLY A 76 -3.36 25.02 -5.07
CA GLY A 76 -2.95 23.63 -4.98
C GLY A 76 -4.08 22.67 -5.34
N GLY A 77 -4.39 21.74 -4.44
CA GLY A 77 -5.43 20.79 -4.71
C GLY A 77 -4.85 19.48 -5.18
N TRP A 78 -5.62 18.40 -5.01
CA TRP A 78 -5.18 17.05 -5.41
C TRP A 78 -4.65 16.93 -6.85
N ASN A 79 -5.45 17.28 -7.84
CA ASN A 79 -4.99 17.15 -9.22
C ASN A 79 -3.77 18.01 -9.52
N PHE A 80 -3.74 19.23 -9.00
CA PHE A 80 -2.61 20.14 -9.23
C PHE A 80 -1.25 19.42 -9.09
N GLY A 81 -1.19 18.41 -8.22
CA GLY A 81 0.04 17.67 -8.03
C GLY A 81 1.13 18.38 -7.21
N SER A 82 1.94 17.60 -6.50
CA SER A 82 3.01 18.16 -5.67
C SER A 82 4.29 18.60 -6.39
N GLN A 83 4.47 18.18 -7.64
CA GLN A 83 5.66 18.54 -8.43
C GLN A 83 5.92 20.04 -8.59
N ARG A 84 4.91 20.78 -9.07
CA ARG A 84 4.98 22.22 -9.28
C ARG A 84 5.35 22.98 -8.01
N PHE A 85 4.66 22.66 -6.91
CA PHE A 85 4.92 23.30 -5.62
C PHE A 85 6.37 23.09 -5.17
N SER A 86 6.80 21.84 -5.17
CA SER A 86 8.17 21.52 -4.77
C SER A 86 9.19 22.41 -5.47
N LYS A 87 9.20 22.35 -6.81
CA LYS A 87 10.11 23.14 -7.65
C LYS A 87 10.10 24.62 -7.32
N ILE A 88 8.95 25.11 -6.85
CA ILE A 88 8.78 26.51 -6.50
C ILE A 88 9.29 26.78 -5.10
N ALA A 89 8.87 25.96 -4.15
CA ALA A 89 9.25 26.11 -2.74
C ALA A 89 10.70 25.83 -2.42
N SER A 90 11.40 25.08 -3.27
CA SER A 90 12.81 24.80 -3.02
C SER A 90 13.74 25.82 -3.71
N ASN A 91 13.31 26.35 -4.84
CA ASN A 91 14.10 27.36 -5.53
C ASN A 91 13.87 28.71 -4.81
N THR A 92 14.95 29.35 -4.36
CA THR A 92 14.81 30.61 -3.62
C THR A 92 14.23 31.77 -4.43
N GLN A 93 14.52 31.81 -5.73
CA GLN A 93 14.00 32.86 -6.60
C GLN A 93 12.50 32.70 -6.83
N SER A 94 12.08 31.48 -7.16
CA SER A 94 10.69 31.13 -7.43
C SER A 94 9.79 31.42 -6.24
N ARG A 95 10.29 31.08 -5.05
CA ARG A 95 9.56 31.26 -3.81
C ARG A 95 9.24 32.73 -3.56
N ARG A 96 10.23 33.60 -3.77
CA ARG A 96 10.07 35.05 -3.57
C ARG A 96 9.08 35.64 -4.57
N THR A 97 9.20 35.23 -5.83
CA THR A 97 8.31 35.70 -6.89
C THR A 97 6.87 35.31 -6.55
N PHE A 98 6.67 34.04 -6.18
CA PHE A 98 5.35 33.52 -5.82
C PHE A 98 4.83 34.25 -4.58
N ILE A 99 5.68 34.35 -3.58
CA ILE A 99 5.25 35.02 -2.36
C ILE A 99 4.84 36.46 -2.67
N LYS A 100 5.73 37.16 -3.37
CA LYS A 100 5.48 38.55 -3.71
C LYS A 100 4.19 38.74 -4.53
N SER A 101 3.90 37.82 -5.43
CA SER A 101 2.71 37.94 -6.27
C SER A 101 1.38 37.84 -5.54
N VAL A 102 1.35 37.09 -4.42
CA VAL A 102 0.10 36.86 -3.69
C VAL A 102 -0.71 38.01 -3.07
N PRO A 103 -0.13 38.77 -2.13
CA PRO A 103 -0.96 39.84 -1.57
C PRO A 103 -1.65 40.76 -2.62
N PRO A 104 -0.90 41.21 -3.64
CA PRO A 104 -1.50 42.08 -4.66
C PRO A 104 -2.66 41.42 -5.42
N PHE A 105 -2.53 40.13 -5.67
CA PHE A 105 -3.54 39.38 -6.39
C PHE A 105 -4.81 39.23 -5.54
N LEU A 106 -4.64 38.96 -4.25
CA LEU A 106 -5.81 38.80 -3.39
C LEU A 106 -6.52 40.11 -3.17
N ARG A 107 -5.75 41.20 -3.08
CA ARG A 107 -6.31 42.54 -2.89
C ARG A 107 -7.02 42.96 -4.17
N THR A 108 -6.38 42.69 -5.29
CA THR A 108 -6.93 43.02 -6.60
C THR A 108 -8.22 42.27 -6.79
N HIS A 109 -8.28 41.05 -6.29
CA HIS A 109 -9.49 40.26 -6.46
C HIS A 109 -10.45 40.15 -5.25
N GLY A 110 -10.23 40.95 -4.21
CA GLY A 110 -11.15 40.91 -3.08
C GLY A 110 -11.07 39.79 -2.04
N PHE A 111 -10.00 39.00 -2.07
CA PHE A 111 -9.89 37.93 -1.10
C PHE A 111 -9.29 38.35 0.21
N ASP A 112 -9.79 37.75 1.30
CA ASP A 112 -9.27 38.05 2.62
C ASP A 112 -7.98 37.28 3.00
N GLY A 113 -7.61 36.29 2.19
CA GLY A 113 -6.43 35.53 2.50
C GLY A 113 -6.17 34.39 1.54
N LEU A 114 -5.08 33.66 1.82
CA LEU A 114 -4.65 32.51 1.04
C LEU A 114 -4.70 31.18 1.80
N ASP A 115 -5.14 30.13 1.12
CA ASP A 115 -5.16 28.79 1.68
C ASP A 115 -4.16 27.96 0.84
N LEU A 116 -3.23 27.31 1.52
CA LEU A 116 -2.24 26.47 0.82
C LEU A 116 -2.75 25.04 0.83
N ALA A 117 -2.86 24.44 -0.36
CA ALA A 117 -3.30 23.04 -0.46
C ALA A 117 -2.26 22.28 -1.28
N TRP A 118 -1.08 22.15 -0.71
CA TRP A 118 0.02 21.44 -1.34
C TRP A 118 -0.10 20.01 -0.89
N LEU A 119 -0.62 19.18 -1.80
CA LEU A 119 -0.85 17.77 -1.53
C LEU A 119 0.09 16.87 -2.35
N TYR A 120 1.21 16.45 -1.77
CA TYR A 120 1.63 16.83 -0.43
C TYR A 120 3.14 17.00 -0.47
N PRO A 121 3.69 17.77 0.46
CA PRO A 121 5.14 17.96 0.47
C PRO A 121 5.78 16.55 0.60
N GLY A 122 6.79 16.26 -0.21
CA GLY A 122 7.42 14.95 -0.09
C GLY A 122 8.24 14.89 1.20
N ARG A 123 8.83 13.74 1.50
CA ARG A 123 9.66 13.64 2.69
C ARG A 123 10.78 14.69 2.52
N ARG A 124 11.22 14.87 1.29
CA ARG A 124 12.27 15.81 0.97
C ARG A 124 11.81 17.27 0.97
N ASP A 125 10.50 17.48 1.08
CA ASP A 125 9.93 18.84 1.08
C ASP A 125 9.54 19.39 2.45
N LYS A 126 9.60 18.56 3.48
CA LYS A 126 9.21 19.02 4.81
C LYS A 126 9.73 20.40 5.20
N GLN A 127 11.05 20.57 5.13
CA GLN A 127 11.65 21.85 5.50
C GLN A 127 11.15 23.00 4.62
N HIS A 128 11.17 22.78 3.31
CA HIS A 128 10.74 23.77 2.35
C HIS A 128 9.31 24.23 2.64
N PHE A 129 8.46 23.31 3.05
CA PHE A 129 7.09 23.63 3.37
C PHE A 129 7.06 24.64 4.52
N THR A 130 7.82 24.36 5.58
CA THR A 130 7.90 25.27 6.72
C THR A 130 8.41 26.66 6.30
N THR A 131 9.44 26.66 5.45
CA THR A 131 10.03 27.90 4.96
C THR A 131 8.99 28.68 4.13
N LEU A 132 8.31 28.00 3.23
CA LEU A 132 7.28 28.65 2.42
C LEU A 132 6.23 29.31 3.31
N ILE A 133 5.72 28.55 4.29
CA ILE A 133 4.70 29.11 5.16
C ILE A 133 5.21 30.31 5.94
N LYS A 134 6.44 30.20 6.44
CA LYS A 134 7.06 31.27 7.23
C LYS A 134 7.22 32.59 6.46
N GLU A 135 7.80 32.51 5.27
CA GLU A 135 8.03 33.73 4.51
C GLU A 135 6.73 34.36 4.00
N MET A 136 5.79 33.50 3.57
CA MET A 136 4.49 33.93 3.07
C MET A 136 3.81 34.74 4.16
N LYS A 137 3.84 34.23 5.37
CA LYS A 137 3.24 34.95 6.48
C LYS A 137 3.94 36.31 6.73
N ALA A 138 5.27 36.34 6.57
CA ALA A 138 6.05 37.57 6.76
C ALA A 138 5.52 38.64 5.78
N GLU A 139 5.50 38.25 4.51
CA GLU A 139 4.98 39.09 3.45
C GLU A 139 3.58 39.66 3.78
N PHE A 140 2.70 38.85 4.37
CA PHE A 140 1.35 39.30 4.72
C PHE A 140 1.42 40.36 5.83
N ILE A 141 2.24 40.08 6.84
CA ILE A 141 2.41 41.00 7.95
C ILE A 141 3.06 42.27 7.41
N LYS A 142 3.98 42.10 6.46
CA LYS A 142 4.64 43.24 5.84
C LYS A 142 3.65 44.03 4.99
N GLU A 143 2.72 43.35 4.34
CA GLU A 143 1.73 44.02 3.49
C GLU A 143 0.74 44.84 4.31
N ALA A 144 0.35 44.33 5.47
CA ALA A 144 -0.60 45.06 6.31
C ALA A 144 0.11 46.09 7.17
N GLN A 145 1.45 46.04 7.14
CA GLN A 145 2.36 46.89 7.91
C GLN A 145 1.81 48.23 8.38
N PRO A 146 1.13 48.98 7.48
CA PRO A 146 0.59 50.27 7.93
C PRO A 146 -0.67 50.08 8.81
N GLY A 147 -1.83 50.02 8.16
CA GLY A 147 -3.06 49.85 8.92
C GLY A 147 -4.09 48.96 8.26
N LYS A 148 -3.64 48.09 7.35
CA LYS A 148 -4.55 47.17 6.68
C LYS A 148 -4.98 46.03 7.60
N LYS A 149 -6.13 45.44 7.30
CA LYS A 149 -6.56 44.26 8.05
C LYS A 149 -5.66 43.18 7.40
N GLN A 150 -4.77 42.59 8.20
CA GLN A 150 -3.83 41.59 7.69
C GLN A 150 -4.49 40.41 6.97
N LEU A 151 -3.87 40.00 5.87
CA LEU A 151 -4.35 38.88 5.08
C LEU A 151 -4.21 37.60 5.91
N LEU A 152 -5.15 36.68 5.73
CA LEU A 152 -5.13 35.39 6.43
C LEU A 152 -4.32 34.33 5.68
N LEU A 153 -3.73 33.40 6.42
CA LEU A 153 -2.97 32.30 5.84
C LEU A 153 -3.40 30.97 6.47
N SER A 154 -3.93 30.09 5.64
CA SER A 154 -4.35 28.78 6.12
C SER A 154 -3.74 27.70 5.21
N ALA A 155 -3.85 26.46 5.66
CA ALA A 155 -3.34 25.31 4.93
C ALA A 155 -4.24 24.10 5.19
N ALA A 156 -4.59 23.39 4.13
CA ALA A 156 -5.39 22.18 4.24
C ALA A 156 -4.40 21.01 4.33
N LEU A 157 -4.32 20.37 5.49
CA LEU A 157 -3.37 19.27 5.70
C LEU A 157 -3.95 17.88 5.72
N SER A 158 -3.16 16.94 5.23
CA SER A 158 -3.54 15.54 5.21
C SER A 158 -3.87 15.04 6.63
N ALA A 159 -4.84 14.13 6.72
CA ALA A 159 -5.19 13.57 8.01
C ALA A 159 -4.50 12.18 8.13
N GLY A 160 -3.58 11.90 7.19
CA GLY A 160 -2.90 10.61 7.16
C GLY A 160 -1.58 10.59 7.88
N LYS A 161 -1.46 9.73 8.90
CA LYS A 161 -0.23 9.66 9.71
C LYS A 161 1.06 9.53 8.90
N VAL A 162 1.12 8.59 7.97
CA VAL A 162 2.35 8.48 7.19
C VAL A 162 2.65 9.83 6.56
N THR A 163 1.68 10.36 5.82
CA THR A 163 1.85 11.63 5.17
C THR A 163 2.23 12.70 6.17
N ILE A 164 1.56 12.73 7.31
CA ILE A 164 1.85 13.74 8.31
C ILE A 164 3.28 13.68 8.83
N ASP A 165 3.83 12.47 8.98
CA ASP A 165 5.20 12.32 9.44
C ASP A 165 6.25 12.72 8.39
N SER A 166 6.01 12.40 7.13
CA SER A 166 7.00 12.77 6.12
C SER A 166 6.89 14.22 5.68
N SER A 167 5.67 14.75 5.63
CA SER A 167 5.48 16.11 5.12
C SER A 167 5.49 17.31 6.04
N TYR A 168 5.00 17.13 7.26
CA TYR A 168 4.86 18.25 8.17
C TYR A 168 5.60 18.34 9.49
N ASP A 169 6.06 19.57 9.75
CA ASP A 169 6.69 19.94 11.00
C ASP A 169 5.53 20.77 11.59
N ILE A 170 4.58 20.07 12.20
CA ILE A 170 3.39 20.69 12.77
C ILE A 170 3.63 21.83 13.76
N ALA A 171 4.54 21.64 14.69
CA ALA A 171 4.80 22.67 15.68
C ALA A 171 5.29 23.97 15.07
N LYS A 172 6.20 23.87 14.09
CA LYS A 172 6.72 25.09 13.47
C LYS A 172 5.67 25.86 12.66
N ILE A 173 4.97 25.16 11.76
CA ILE A 173 4.00 25.82 10.91
C ILE A 173 2.79 26.39 11.65
N SER A 174 2.38 25.72 12.72
CA SER A 174 1.26 26.20 13.52
C SER A 174 1.52 27.62 14.05
N GLN A 175 2.79 27.97 14.21
CA GLN A 175 3.13 29.30 14.70
C GLN A 175 2.79 30.38 13.66
N HIS A 176 2.85 30.03 12.38
CA HIS A 176 2.60 31.00 11.32
C HIS A 176 1.23 30.93 10.66
N LEU A 177 0.51 29.81 10.79
CA LEU A 177 -0.81 29.71 10.16
C LEU A 177 -1.93 30.18 11.08
N ASP A 178 -2.90 30.91 10.51
CA ASP A 178 -4.05 31.38 11.29
C ASP A 178 -4.91 30.17 11.62
N PHE A 179 -5.00 29.21 10.70
CA PHE A 179 -5.73 27.98 10.96
C PHE A 179 -5.32 26.85 10.03
N ILE A 180 -5.49 25.64 10.55
CA ILE A 180 -5.18 24.42 9.82
C ILE A 180 -6.45 23.63 9.61
N SER A 181 -6.67 23.22 8.37
CA SER A 181 -7.85 22.42 8.08
C SER A 181 -7.31 21.01 7.86
N ILE A 182 -7.62 20.07 8.75
CA ILE A 182 -7.13 18.71 8.62
C ILE A 182 -8.14 17.91 7.79
N MET A 183 -7.66 17.32 6.69
CA MET A 183 -8.55 16.57 5.80
C MET A 183 -8.95 15.16 6.26
N THR A 184 -9.80 15.10 7.30
CA THR A 184 -10.27 13.84 7.88
C THR A 184 -11.40 13.07 7.13
N TYR A 185 -11.10 12.59 5.93
CA TYR A 185 -12.03 11.82 5.10
C TYR A 185 -11.12 11.17 4.05
N ASP A 186 -11.67 10.39 3.12
CA ASP A 186 -10.84 9.70 2.10
C ASP A 186 -9.85 8.75 2.79
N PHE A 187 -10.28 8.06 3.86
CA PHE A 187 -9.41 7.15 4.57
C PHE A 187 -9.44 5.74 4.03
N HIS A 188 -10.54 5.34 3.41
CA HIS A 188 -10.65 3.95 2.91
C HIS A 188 -10.63 3.77 1.39
N GLY A 189 -9.44 3.58 0.84
CA GLY A 189 -9.29 3.39 -0.60
C GLY A 189 -9.85 2.05 -1.10
N ALA A 190 -10.38 2.05 -2.33
CA ALA A 190 -10.95 0.83 -2.92
C ALA A 190 -9.91 -0.28 -3.13
N TRP A 191 -8.63 0.11 -3.31
CA TRP A 191 -7.55 -0.86 -3.50
C TRP A 191 -7.49 -1.94 -2.43
N ARG A 192 -8.16 -1.68 -1.30
CA ARG A 192 -8.21 -2.60 -0.16
C ARG A 192 -8.97 -3.89 -0.43
N GLY A 193 -9.96 -3.84 -1.32
CA GLY A 193 -10.71 -5.03 -1.66
C GLY A 193 -11.95 -5.28 -0.84
N THR A 194 -12.21 -4.39 0.12
CA THR A 194 -13.38 -4.48 1.03
C THR A 194 -14.09 -3.13 1.27
N THR A 195 -15.32 -3.20 1.78
CA THR A 195 -16.08 -2.00 2.13
C THR A 195 -15.47 -1.46 3.40
N GLY A 196 -15.50 -0.14 3.50
CA GLY A 196 -14.94 0.55 4.66
C GLY A 196 -15.39 1.99 4.53
N HIS A 197 -15.64 2.64 5.66
CA HIS A 197 -16.07 4.03 5.64
C HIS A 197 -14.88 4.98 5.48
N HIS A 198 -14.98 5.89 4.53
CA HIS A 198 -13.90 6.85 4.29
C HIS A 198 -13.75 7.97 5.34
N SER A 199 -14.76 8.14 6.20
CA SER A 199 -14.69 9.20 7.21
C SER A 199 -15.28 8.76 8.56
N PRO A 200 -14.71 7.72 9.18
CA PRO A 200 -15.29 7.31 10.48
C PRO A 200 -14.79 8.25 11.58
N LEU A 201 -15.59 8.48 12.62
CA LEU A 201 -15.13 9.36 13.70
C LEU A 201 -14.09 8.68 14.59
N PHE A 202 -14.34 7.40 14.87
CA PHE A 202 -13.48 6.58 15.71
C PHE A 202 -13.05 5.29 14.97
N ARG A 203 -12.08 4.58 15.53
CA ARG A 203 -11.58 3.33 14.96
C ARG A 203 -12.65 2.25 14.87
N GLY A 204 -13.52 2.18 15.87
CA GLY A 204 -14.58 1.17 15.90
C GLY A 204 -14.01 -0.22 16.16
N GLN A 205 -14.76 -1.25 15.77
CA GLN A 205 -14.34 -2.64 15.94
C GLN A 205 -12.86 -2.87 15.63
N GLU A 206 -12.10 -3.16 16.68
CA GLU A 206 -10.68 -3.39 16.61
C GLU A 206 -10.19 -4.35 15.54
N ASP A 207 -10.88 -5.48 15.38
CA ASP A 207 -10.44 -6.48 14.40
C ASP A 207 -11.02 -6.28 12.99
N ALA A 208 -11.83 -5.24 12.83
CA ALA A 208 -12.40 -4.95 11.53
C ALA A 208 -11.74 -3.68 10.99
N SER A 209 -10.62 -3.30 11.57
CA SER A 209 -9.92 -2.12 11.11
C SER A 209 -8.58 -2.53 10.57
N PRO A 210 -8.10 -1.83 9.53
CA PRO A 210 -6.81 -2.11 8.90
C PRO A 210 -5.68 -1.78 9.86
N ASP A 211 -5.80 -0.58 10.43
CA ASP A 211 -4.84 -0.04 11.37
C ASP A 211 -5.57 0.82 12.43
N ARG A 212 -4.81 1.57 13.21
CA ARG A 212 -5.39 2.39 14.26
C ARG A 212 -5.48 3.87 13.90
N PHE A 213 -5.02 4.26 12.71
CA PHE A 213 -5.04 5.67 12.42
C PHE A 213 -5.84 6.20 11.26
N SER A 214 -6.60 5.32 10.63
CA SER A 214 -7.41 5.71 9.48
C SER A 214 -8.81 6.08 9.91
N ASN A 215 -8.87 7.08 10.78
CA ASN A 215 -10.08 7.61 11.36
C ASN A 215 -9.79 8.99 11.93
N THR A 216 -10.85 9.79 12.04
CA THR A 216 -10.79 11.16 12.51
C THR A 216 -10.15 11.41 13.87
N ASP A 217 -10.63 10.67 14.88
CA ASP A 217 -10.13 10.81 16.25
C ASP A 217 -8.63 10.74 16.33
N TYR A 218 -8.07 9.76 15.63
CA TYR A 218 -6.64 9.57 15.65
C TYR A 218 -5.92 10.73 14.98
N ALA A 219 -6.39 11.14 13.81
CA ALA A 219 -5.75 12.27 13.10
C ALA A 219 -5.77 13.52 13.99
N VAL A 220 -6.92 13.80 14.59
CA VAL A 220 -7.04 14.98 15.47
C VAL A 220 -6.07 14.86 16.65
N GLY A 221 -6.27 13.81 17.46
CA GLY A 221 -5.39 13.61 18.59
C GLY A 221 -3.93 13.72 18.22
N TYR A 222 -3.53 13.09 17.11
CA TYR A 222 -2.13 13.11 16.67
C TYR A 222 -1.63 14.54 16.36
N MET A 223 -2.43 15.30 15.61
CA MET A 223 -2.01 16.68 15.32
C MET A 223 -1.88 17.46 16.64
N LEU A 224 -2.83 17.27 17.56
CA LEU A 224 -2.76 17.94 18.86
C LEU A 224 -1.44 17.56 19.53
N ARG A 225 -1.19 16.26 19.66
CA ARG A 225 0.06 15.78 20.27
C ARG A 225 1.28 16.39 19.60
N LEU A 226 1.25 16.50 18.28
CA LEU A 226 2.38 17.06 17.54
C LEU A 226 2.62 18.56 17.76
N GLY A 227 1.71 19.24 18.42
CA GLY A 227 1.94 20.66 18.66
C GLY A 227 1.06 21.67 17.94
N ALA A 228 -0.04 21.23 17.35
CA ALA A 228 -0.95 22.15 16.69
C ALA A 228 -1.93 22.65 17.76
N PRO A 229 -1.96 23.97 18.01
CA PRO A 229 -2.92 24.39 19.05
C PRO A 229 -4.33 24.04 18.61
N ALA A 230 -5.14 23.60 19.58
CA ALA A 230 -6.53 23.25 19.34
C ALA A 230 -7.29 24.44 18.74
N SER A 231 -6.94 25.63 19.22
CA SER A 231 -7.56 26.89 18.81
C SER A 231 -7.29 27.17 17.34
N LYS A 232 -6.28 26.53 16.77
CA LYS A 232 -5.93 26.76 15.37
C LYS A 232 -6.25 25.56 14.49
N LEU A 233 -6.99 24.60 15.03
CA LEU A 233 -7.33 23.38 14.31
C LEU A 233 -8.80 23.26 13.85
N VAL A 234 -9.02 23.22 12.54
CA VAL A 234 -10.36 23.11 11.97
C VAL A 234 -10.53 21.68 11.51
N MET A 235 -11.65 21.07 11.87
CA MET A 235 -11.82 19.66 11.52
C MET A 235 -12.63 19.37 10.26
N GLY A 236 -11.98 18.71 9.31
CA GLY A 236 -12.64 18.36 8.07
C GLY A 236 -13.80 17.38 8.16
N ILE A 237 -14.94 17.78 7.59
CA ILE A 237 -16.13 16.94 7.55
C ILE A 237 -16.56 16.93 6.08
N PRO A 238 -16.59 15.75 5.46
CA PRO A 238 -16.98 15.63 4.04
C PRO A 238 -18.49 15.68 3.81
N THR A 239 -18.91 16.25 2.70
CA THR A 239 -20.33 16.26 2.37
C THR A 239 -20.59 15.26 1.25
N PHE A 240 -19.54 14.58 0.80
CA PHE A 240 -19.66 13.56 -0.24
C PHE A 240 -19.44 12.16 0.39
N GLY A 241 -19.78 11.08 -0.34
CA GLY A 241 -19.54 9.74 0.16
C GLY A 241 -18.57 8.97 -0.73
N ARG A 242 -17.97 7.90 -0.21
CA ARG A 242 -17.05 7.06 -1.02
C ARG A 242 -17.78 5.72 -1.29
N SER A 243 -17.94 5.36 -2.57
CA SER A 243 -18.67 4.17 -2.97
C SER A 243 -17.92 2.97 -3.53
N PHE A 244 -18.55 1.81 -3.40
CA PHE A 244 -17.94 0.58 -3.87
C PHE A 244 -18.97 -0.27 -4.59
N THR A 245 -18.47 -1.15 -5.43
CA THR A 245 -19.32 -2.10 -6.12
C THR A 245 -19.11 -3.42 -5.36
N LEU A 246 -20.17 -3.95 -4.76
CA LEU A 246 -20.05 -5.19 -3.99
C LEU A 246 -19.78 -6.43 -4.88
N ALA A 247 -19.08 -7.41 -4.31
CA ALA A 247 -18.76 -8.63 -5.03
C ALA A 247 -19.55 -9.86 -4.59
N SER A 248 -20.41 -9.71 -3.58
CA SER A 248 -21.21 -10.84 -3.10
C SER A 248 -22.48 -10.37 -2.41
N SER A 249 -23.18 -11.29 -1.77
CA SER A 249 -24.40 -10.95 -1.04
C SER A 249 -24.07 -10.28 0.31
N GLU A 250 -22.78 -10.21 0.66
CA GLU A 250 -22.38 -9.59 1.93
C GLU A 250 -22.38 -8.07 1.75
N THR A 251 -23.02 -7.36 2.68
CA THR A 251 -23.12 -5.90 2.60
C THR A 251 -22.60 -5.15 3.81
N GLY A 252 -21.91 -5.83 4.71
CA GLY A 252 -21.43 -5.15 5.89
C GLY A 252 -20.08 -4.51 5.67
N VAL A 253 -19.51 -3.98 6.75
CA VAL A 253 -18.18 -3.38 6.71
C VAL A 253 -17.15 -4.48 6.46
N GLY A 254 -16.21 -4.23 5.57
CA GLY A 254 -15.23 -5.25 5.27
C GLY A 254 -15.75 -6.30 4.29
N ALA A 255 -16.86 -6.02 3.61
CA ALA A 255 -17.43 -6.94 2.62
C ALA A 255 -16.58 -6.88 1.34
N PRO A 256 -16.38 -8.03 0.67
CA PRO A 256 -15.56 -7.96 -0.54
C PRO A 256 -16.17 -7.11 -1.65
N ILE A 257 -15.33 -6.33 -2.32
CA ILE A 257 -15.78 -5.47 -3.40
C ILE A 257 -14.98 -5.79 -4.66
N SER A 258 -15.50 -5.36 -5.81
CA SER A 258 -14.83 -5.58 -7.07
C SER A 258 -14.23 -4.28 -7.58
N GLY A 259 -14.54 -3.17 -6.91
CA GLY A 259 -14.02 -1.90 -7.35
C GLY A 259 -14.80 -0.71 -6.85
N PRO A 260 -14.49 0.51 -7.33
CA PRO A 260 -15.22 1.70 -6.87
C PRO A 260 -16.69 1.61 -7.31
N GLY A 261 -17.53 2.39 -6.66
CA GLY A 261 -18.94 2.41 -6.95
C GLY A 261 -19.25 3.04 -8.29
N ILE A 262 -20.45 2.77 -8.79
CA ILE A 262 -20.92 3.29 -10.07
C ILE A 262 -20.98 4.81 -9.96
N PRO A 263 -20.48 5.52 -10.97
CA PRO A 263 -20.47 7.00 -11.01
C PRO A 263 -21.84 7.65 -10.81
N GLY A 264 -21.86 8.75 -10.06
CA GLY A 264 -23.10 9.46 -9.81
C GLY A 264 -23.49 10.24 -11.02
N ARG A 265 -24.78 10.48 -11.21
CA ARG A 265 -25.29 11.20 -12.38
C ARG A 265 -24.69 12.60 -12.61
N PHE A 266 -24.44 13.37 -11.56
CA PHE A 266 -23.89 14.71 -11.73
C PHE A 266 -22.39 14.82 -11.55
N THR A 267 -21.85 14.17 -10.52
CA THR A 267 -20.41 14.25 -10.32
C THR A 267 -19.63 13.31 -11.24
N LYS A 268 -20.33 12.35 -11.85
CA LYS A 268 -19.73 11.38 -12.78
C LYS A 268 -18.29 10.96 -12.45
N GLU A 269 -18.06 10.45 -11.24
CA GLU A 269 -16.73 10.00 -10.87
C GLU A 269 -16.84 8.75 -10.00
N ALA A 270 -16.46 7.62 -10.59
CA ALA A 270 -16.51 6.35 -9.93
C ALA A 270 -15.91 6.38 -8.52
N GLY A 271 -16.64 5.81 -7.56
CA GLY A 271 -16.15 5.76 -6.20
C GLY A 271 -16.53 6.98 -5.36
N THR A 272 -17.18 7.97 -5.99
CA THR A 272 -17.59 9.23 -5.33
C THR A 272 -19.06 9.63 -5.59
N LEU A 273 -19.74 10.15 -4.57
CA LEU A 273 -21.13 10.62 -4.72
C LEU A 273 -21.36 11.85 -3.83
N ALA A 274 -21.94 12.91 -4.39
CA ALA A 274 -22.23 14.12 -3.61
C ALA A 274 -23.40 13.79 -2.70
N TYR A 275 -23.52 14.45 -1.56
CA TYR A 275 -24.65 14.18 -0.67
C TYR A 275 -26.00 14.17 -1.40
N TYR A 276 -26.22 15.12 -2.29
CA TYR A 276 -27.47 15.13 -3.02
C TYR A 276 -27.63 13.90 -3.95
N GLU A 277 -26.55 13.31 -4.41
CA GLU A 277 -26.73 12.11 -5.22
C GLU A 277 -27.08 10.96 -4.23
N ILE A 278 -26.43 10.96 -3.06
CA ILE A 278 -26.71 9.95 -2.04
C ILE A 278 -28.19 9.92 -1.65
N CYS A 279 -28.79 11.10 -1.49
CA CYS A 279 -30.20 11.21 -1.14
C CYS A 279 -31.08 10.47 -2.16
N ASP A 280 -30.73 10.58 -3.44
CA ASP A 280 -31.47 9.89 -4.47
C ASP A 280 -31.22 8.39 -4.30
N PHE A 281 -29.96 8.02 -4.06
CA PHE A 281 -29.57 6.63 -3.86
C PHE A 281 -30.34 6.01 -2.68
N LEU A 282 -30.51 6.76 -1.60
CA LEU A 282 -31.20 6.28 -0.41
C LEU A 282 -32.62 5.74 -0.59
N ARG A 283 -33.27 6.13 -1.68
CA ARG A 283 -34.61 5.65 -1.96
C ARG A 283 -34.55 4.18 -2.37
N GLY A 284 -35.01 3.31 -1.47
CA GLY A 284 -34.99 1.89 -1.73
C GLY A 284 -33.74 1.22 -1.17
N ALA A 285 -32.84 2.05 -0.65
CA ALA A 285 -31.57 1.58 -0.07
C ALA A 285 -31.85 1.25 1.37
N THR A 286 -30.88 0.63 2.03
CA THR A 286 -31.02 0.32 3.45
C THR A 286 -29.85 0.98 4.18
N VAL A 287 -30.15 1.72 5.25
CA VAL A 287 -29.11 2.43 5.94
C VAL A 287 -28.73 1.74 7.24
N HIS A 288 -27.44 1.81 7.58
CA HIS A 288 -26.93 1.19 8.80
C HIS A 288 -25.96 2.13 9.48
N ARG A 289 -26.07 2.29 10.79
CA ARG A 289 -25.15 3.16 11.46
C ARG A 289 -24.06 2.22 11.93
N ILE A 290 -22.81 2.62 11.75
CA ILE A 290 -21.70 1.79 12.18
C ILE A 290 -21.40 2.06 13.65
N LEU A 291 -21.78 1.09 14.48
CA LEU A 291 -21.62 1.20 15.90
C LEU A 291 -20.34 1.79 16.44
N GLY A 292 -19.18 1.33 16.00
CA GLY A 292 -18.00 1.92 16.61
C GLY A 292 -17.47 3.22 16.02
N GLN A 293 -17.99 3.58 14.86
CA GLN A 293 -17.47 4.74 14.15
C GLN A 293 -18.36 5.95 14.08
N GLN A 294 -19.63 5.78 14.46
CA GLN A 294 -20.60 6.89 14.49
C GLN A 294 -20.93 7.50 13.13
N VAL A 295 -20.88 6.66 12.10
CA VAL A 295 -21.20 7.13 10.77
C VAL A 295 -22.00 6.06 10.09
N PRO A 296 -22.78 6.46 9.09
CA PRO A 296 -23.62 5.52 8.35
C PRO A 296 -23.04 5.13 6.98
N TYR A 297 -23.60 4.08 6.43
CA TYR A 297 -23.25 3.63 5.08
C TYR A 297 -24.60 3.19 4.57
N ALA A 298 -24.77 3.16 3.25
CA ALA A 298 -26.02 2.71 2.65
C ALA A 298 -25.71 1.71 1.55
N THR A 299 -26.61 0.76 1.37
CA THR A 299 -26.38 -0.27 0.37
C THR A 299 -27.69 -0.59 -0.36
N LYS A 300 -27.58 -0.87 -1.65
CA LYS A 300 -28.71 -1.16 -2.49
C LYS A 300 -28.15 -1.91 -3.68
N GLY A 301 -28.72 -3.05 -4.01
CA GLY A 301 -28.18 -3.81 -5.11
C GLY A 301 -26.70 -4.05 -4.90
N ASN A 302 -25.90 -3.94 -5.95
CA ASN A 302 -24.46 -4.19 -5.79
C ASN A 302 -23.63 -2.95 -5.45
N GLN A 303 -24.30 -1.96 -4.84
CA GLN A 303 -23.68 -0.70 -4.45
C GLN A 303 -23.64 -0.46 -2.94
N TRP A 304 -22.54 0.12 -2.47
CA TRP A 304 -22.31 0.40 -1.05
C TRP A 304 -21.62 1.76 -0.95
N VAL A 305 -22.10 2.62 -0.06
CA VAL A 305 -21.48 3.95 0.06
C VAL A 305 -21.40 4.39 1.50
N GLY A 306 -20.25 4.91 1.89
CA GLY A 306 -20.05 5.39 3.24
C GLY A 306 -20.03 6.92 3.12
N TYR A 307 -20.93 7.54 3.88
CA TYR A 307 -21.05 8.98 3.84
C TYR A 307 -21.41 9.54 5.20
N ASP A 308 -21.76 10.81 5.22
CA ASP A 308 -22.13 11.48 6.45
C ASP A 308 -23.51 12.03 6.25
N ASP A 309 -24.28 12.07 7.33
CA ASP A 309 -25.62 12.66 7.26
C ASP A 309 -25.83 13.63 8.42
N GLN A 310 -27.05 14.15 8.54
CA GLN A 310 -27.33 15.13 9.58
C GLN A 310 -26.87 14.64 10.93
N GLU A 311 -27.26 13.41 11.24
CA GLU A 311 -26.89 12.82 12.51
C GLU A 311 -25.38 12.69 12.73
N SER A 312 -24.66 12.17 11.74
CA SER A 312 -23.22 12.00 11.95
C SER A 312 -22.41 13.29 12.05
N VAL A 313 -22.70 14.29 11.23
CA VAL A 313 -21.93 15.54 11.33
C VAL A 313 -22.20 16.24 12.67
N LYS A 314 -23.40 16.08 13.23
CA LYS A 314 -23.67 16.69 14.52
C LYS A 314 -22.75 16.00 15.56
N SER A 315 -22.64 14.68 15.47
CA SER A 315 -21.74 13.95 16.38
C SER A 315 -20.33 14.49 16.18
N LYS A 316 -19.90 14.63 14.92
CA LYS A 316 -18.54 15.15 14.68
C LYS A 316 -18.31 16.55 15.30
N VAL A 317 -19.32 17.40 15.20
CA VAL A 317 -19.25 18.74 15.77
C VAL A 317 -19.14 18.64 17.31
N GLN A 318 -19.93 17.72 17.89
CA GLN A 318 -19.94 17.47 19.34
C GLN A 318 -18.52 17.11 19.77
N TYR A 319 -17.90 16.27 18.94
CA TYR A 319 -16.54 15.80 19.17
C TYR A 319 -15.52 16.93 19.13
N LEU A 320 -15.55 17.74 18.07
CA LEU A 320 -14.58 18.83 17.95
C LEU A 320 -14.76 19.84 19.07
N LYS A 321 -16.02 20.12 19.42
CA LYS A 321 -16.30 21.04 20.50
C LYS A 321 -15.68 20.51 21.79
N ASP A 322 -15.85 19.22 22.08
CA ASP A 322 -15.28 18.65 23.30
C ASP A 322 -13.75 18.69 23.30
N ARG A 323 -13.15 18.60 22.12
CA ARG A 323 -11.69 18.68 21.99
C ARG A 323 -11.27 20.14 21.97
N GLN A 324 -12.26 21.04 21.96
CA GLN A 324 -12.05 22.49 21.91
C GLN A 324 -11.29 22.95 20.66
N LEU A 325 -11.64 22.40 19.51
CA LEU A 325 -11.00 22.80 18.26
C LEU A 325 -11.63 24.11 17.78
N ALA A 326 -10.94 24.79 16.87
CA ALA A 326 -11.33 26.06 16.29
C ALA A 326 -12.64 26.05 15.51
N GLY A 327 -13.05 24.88 15.04
CA GLY A 327 -14.28 24.80 14.28
C GLY A 327 -14.23 23.63 13.30
N ALA A 328 -15.00 23.73 12.22
CA ALA A 328 -15.08 22.68 11.22
C ALA A 328 -14.82 23.21 9.83
N MET A 329 -14.33 22.32 8.97
CA MET A 329 -14.04 22.63 7.59
C MET A 329 -14.96 21.69 6.81
N VAL A 330 -15.56 22.19 5.74
CA VAL A 330 -16.46 21.40 4.92
C VAL A 330 -15.99 21.22 3.49
N TRP A 331 -15.83 19.97 3.04
CA TRP A 331 -15.48 19.73 1.65
C TRP A 331 -16.63 18.89 1.09
N ALA A 332 -17.50 19.44 0.25
CA ALA A 332 -17.45 20.81 -0.25
C ALA A 332 -18.90 21.26 -0.36
N LEU A 333 -19.09 22.58 -0.35
CA LEU A 333 -20.41 23.19 -0.42
C LEU A 333 -21.20 22.70 -1.61
N ASP A 334 -20.55 22.59 -2.75
CA ASP A 334 -21.24 22.18 -3.97
C ASP A 334 -21.55 20.71 -3.98
N LEU A 335 -21.06 19.99 -2.97
CA LEU A 335 -21.33 18.56 -2.88
C LEU A 335 -22.51 18.33 -1.93
N ASP A 336 -22.81 19.34 -1.12
CA ASP A 336 -23.94 19.28 -0.20
C ASP A 336 -25.19 19.46 -1.11
N ASP A 337 -26.40 19.40 -0.55
CA ASP A 337 -27.60 19.62 -1.36
C ASP A 337 -27.82 21.16 -1.36
N PHE A 338 -27.05 21.85 -2.21
CA PHE A 338 -27.12 23.31 -2.29
C PHE A 338 -28.50 23.78 -2.81
N GLN A 339 -29.14 22.94 -3.60
CA GLN A 339 -30.46 23.22 -4.16
C GLN A 339 -31.53 23.08 -3.07
N GLY A 340 -31.38 22.03 -2.26
CA GLY A 340 -32.34 21.77 -1.21
C GLY A 340 -33.47 20.94 -1.82
N SER A 341 -33.28 20.54 -3.07
CA SER A 341 -34.29 19.79 -3.82
C SER A 341 -34.11 18.30 -3.98
N PHE A 342 -33.00 17.75 -3.50
CA PHE A 342 -32.77 16.31 -3.66
C PHE A 342 -33.12 15.42 -2.48
N CYS A 343 -33.06 15.98 -1.27
CA CYS A 343 -33.32 15.22 -0.07
C CYS A 343 -34.71 15.41 0.53
N GLY A 344 -34.77 15.49 1.85
CA GLY A 344 -36.04 15.65 2.55
C GLY A 344 -36.84 16.91 2.29
N GLN A 345 -36.70 17.88 3.18
CA GLN A 345 -37.43 19.14 3.05
C GLN A 345 -37.00 19.85 1.77
N ASP A 346 -37.17 21.17 1.77
CA ASP A 346 -36.78 22.01 0.66
C ASP A 346 -35.61 22.84 1.16
N LEU A 347 -35.07 22.41 2.30
CA LEU A 347 -33.92 23.06 2.94
C LEU A 347 -32.67 23.01 2.08
N ARG A 348 -32.02 24.16 1.92
CA ARG A 348 -30.79 24.20 1.15
C ARG A 348 -29.64 23.87 2.10
N PHE A 349 -28.56 23.29 1.56
CA PHE A 349 -27.39 22.95 2.36
C PHE A 349 -27.72 22.21 3.66
N PRO A 350 -28.43 21.07 3.56
CA PRO A 350 -28.79 20.31 4.77
C PRO A 350 -27.61 19.92 5.65
N LEU A 351 -26.54 19.39 5.04
CA LEU A 351 -25.40 18.98 5.86
C LEU A 351 -24.66 20.14 6.50
N THR A 352 -24.46 21.23 5.75
CA THR A 352 -23.68 22.34 6.31
C THR A 352 -24.42 23.13 7.39
N ASN A 353 -25.74 23.23 7.20
CA ASN A 353 -26.60 23.91 8.16
C ASN A 353 -26.60 23.11 9.46
N ALA A 354 -26.69 21.79 9.32
CA ALA A 354 -26.65 20.87 10.48
C ALA A 354 -25.36 21.14 11.23
N ILE A 355 -24.27 21.30 10.47
CA ILE A 355 -23.00 21.56 11.12
C ILE A 355 -23.01 22.91 11.85
N LYS A 356 -23.52 23.93 11.16
CA LYS A 356 -23.62 25.29 11.69
C LYS A 356 -24.47 25.32 12.95
N ASP A 357 -25.69 24.81 12.85
CA ASP A 357 -26.59 24.78 14.00
C ASP A 357 -25.91 24.10 15.19
N ALA A 358 -25.24 22.96 14.95
CA ALA A 358 -24.56 22.23 16.01
C ALA A 358 -23.42 22.99 16.67
N LEU A 359 -22.68 23.75 15.88
CA LEU A 359 -21.57 24.53 16.40
C LEU A 359 -22.06 25.65 17.31
N ALA A 360 -23.27 26.13 17.06
CA ALA A 360 -23.86 27.20 17.88
C ALA A 360 -24.61 26.62 19.08
N ALA A 361 -25.25 25.48 18.85
CA ALA A 361 -26.04 24.76 19.84
C ALA A 361 -25.66 24.76 21.32
N THR A 362 -26.72 24.74 22.13
CA THR A 362 -26.70 24.72 23.61
C THR A 362 -25.60 25.55 24.29
N TYR B 1 15.60 -31.55 11.16
CA TYR B 1 15.30 -30.30 10.38
C TYR B 1 15.35 -30.49 8.86
N LYS B 2 14.34 -29.94 8.17
CA LYS B 2 14.25 -30.00 6.71
C LYS B 2 15.01 -28.85 6.05
N LEU B 3 15.59 -29.12 4.88
CA LEU B 3 16.30 -28.12 4.11
C LEU B 3 15.80 -28.31 2.67
N VAL B 4 14.84 -27.47 2.31
CA VAL B 4 14.15 -27.45 1.02
C VAL B 4 14.83 -26.45 0.07
N CYS B 5 15.41 -26.97 -1.00
CA CYS B 5 16.10 -26.13 -1.96
C CYS B 5 15.54 -26.13 -3.38
N TYR B 6 15.22 -24.95 -3.89
CA TYR B 6 14.72 -24.87 -5.24
C TYR B 6 15.86 -24.82 -6.23
N TYR B 7 15.63 -25.47 -7.38
CA TYR B 7 16.58 -25.46 -8.47
C TYR B 7 15.75 -24.91 -9.62
N THR B 8 16.32 -24.08 -10.49
CA THR B 8 15.55 -23.53 -11.58
C THR B 8 16.05 -24.01 -12.92
N SER B 9 15.11 -24.37 -13.78
CA SER B 9 15.42 -24.88 -15.12
C SER B 9 16.06 -23.87 -16.07
N TRP B 10 15.75 -22.58 -15.90
CA TRP B 10 16.32 -21.58 -16.80
C TRP B 10 17.73 -21.13 -16.46
N SER B 11 18.28 -21.65 -15.38
CA SER B 11 19.63 -21.30 -14.95
C SER B 11 20.68 -22.05 -15.75
N GLN B 12 20.21 -23.02 -16.53
CA GLN B 12 21.10 -23.83 -17.36
C GLN B 12 21.59 -22.98 -18.54
N TYR B 13 20.73 -22.05 -18.97
CA TYR B 13 21.02 -21.18 -20.09
C TYR B 13 21.89 -19.97 -19.81
N ARG B 14 22.54 -19.94 -18.65
CA ARG B 14 23.36 -18.78 -18.33
C ARG B 14 24.80 -18.86 -18.87
N GLU B 15 25.30 -17.71 -19.31
CA GLU B 15 26.65 -17.59 -19.84
C GLU B 15 27.70 -18.24 -18.94
N GLY B 16 28.79 -18.68 -19.57
CA GLY B 16 29.90 -19.29 -18.87
C GLY B 16 29.58 -20.07 -17.60
N ASP B 17 30.33 -19.76 -16.54
CA ASP B 17 30.17 -20.43 -15.26
C ASP B 17 28.80 -20.20 -14.64
N GLY B 18 28.03 -19.29 -15.23
CA GLY B 18 26.71 -19.01 -14.72
C GLY B 18 25.77 -20.18 -14.92
N SER B 19 25.95 -20.88 -16.04
CA SER B 19 25.12 -22.04 -16.39
C SER B 19 25.10 -23.09 -15.31
N CYS B 20 23.90 -23.46 -14.90
CA CYS B 20 23.72 -24.47 -13.87
C CYS B 20 22.78 -25.61 -14.29
N PHE B 21 23.25 -26.84 -14.12
CA PHE B 21 22.49 -28.06 -14.46
C PHE B 21 22.36 -28.86 -13.18
N PRO B 22 21.29 -29.65 -13.04
CA PRO B 22 21.13 -30.45 -11.80
C PRO B 22 22.43 -31.19 -11.55
N ASP B 23 23.16 -31.35 -12.63
CA ASP B 23 24.46 -31.99 -12.73
C ASP B 23 25.47 -31.53 -11.67
N ALA B 24 25.49 -30.22 -11.39
CA ALA B 24 26.43 -29.63 -10.46
C ALA B 24 25.93 -29.44 -9.03
N LEU B 25 24.83 -30.09 -8.67
CA LEU B 25 24.31 -29.96 -7.31
C LEU B 25 24.97 -30.93 -6.33
N ASP B 26 24.70 -30.75 -5.05
CA ASP B 26 25.29 -31.58 -4.00
C ASP B 26 24.23 -32.41 -3.31
N ARG B 27 24.01 -33.62 -3.80
CA ARG B 27 23.03 -34.53 -3.22
C ARG B 27 23.02 -34.55 -1.68
N PHE B 28 24.18 -34.34 -1.04
CA PHE B 28 24.25 -34.35 0.43
C PHE B 28 23.83 -33.05 1.12
N LEU B 29 23.79 -31.97 0.36
CA LEU B 29 23.44 -30.64 0.86
C LEU B 29 22.03 -30.50 1.46
N CYS B 30 21.03 -30.50 0.59
CA CYS B 30 19.62 -30.36 1.00
C CYS B 30 18.95 -31.69 1.30
N THR B 31 17.80 -31.63 1.97
CA THR B 31 17.06 -32.84 2.27
C THR B 31 15.97 -33.02 1.23
N HIS B 32 15.66 -31.92 0.53
CA HIS B 32 14.64 -31.88 -0.52
C HIS B 32 15.04 -30.86 -1.57
N ILE B 33 14.89 -31.23 -2.84
CA ILE B 33 15.20 -30.32 -3.94
C ILE B 33 13.94 -30.17 -4.79
N ILE B 34 13.48 -28.94 -4.98
CA ILE B 34 12.28 -28.72 -5.76
C ILE B 34 12.60 -28.19 -7.15
N TYR B 35 12.17 -28.94 -8.16
CA TYR B 35 12.42 -28.56 -9.53
C TYR B 35 11.40 -27.50 -9.96
N SER B 36 11.89 -26.41 -10.52
CA SER B 36 11.01 -25.35 -10.97
C SER B 36 11.41 -24.98 -12.40
N PHE B 37 10.44 -24.96 -13.31
CA PHE B 37 9.04 -25.25 -13.03
C PHE B 37 8.41 -26.23 -14.03
N ALA B 38 7.11 -26.43 -13.84
CA ALA B 38 6.32 -27.31 -14.68
C ALA B 38 5.14 -26.51 -15.18
N ASN B 39 4.64 -26.87 -16.36
CA ASN B 39 3.51 -26.19 -16.97
C ASN B 39 2.24 -27.05 -16.93
N ILE B 40 1.11 -26.37 -17.03
CA ILE B 40 -0.19 -27.01 -17.07
C ILE B 40 -0.75 -26.54 -18.41
N SER B 41 -0.36 -27.25 -19.46
CA SER B 41 -0.77 -26.93 -20.84
C SER B 41 -2.14 -27.53 -21.15
N ASN B 42 -2.10 -28.80 -21.52
CA ASN B 42 -3.29 -29.58 -21.85
C ASN B 42 -4.37 -29.13 -20.88
N ASP B 43 -4.16 -29.54 -19.65
CA ASP B 43 -5.02 -29.26 -18.52
C ASP B 43 -4.44 -30.27 -17.56
N HIS B 44 -3.42 -30.97 -18.07
CA HIS B 44 -2.67 -31.94 -17.28
C HIS B 44 -1.28 -31.30 -17.16
N ILE B 45 -0.50 -31.76 -16.19
CA ILE B 45 0.83 -31.21 -15.99
C ILE B 45 1.80 -31.71 -17.06
N ASP B 46 2.57 -30.80 -17.65
CA ASP B 46 3.54 -31.19 -18.66
C ASP B 46 4.88 -30.52 -18.33
N THR B 47 5.88 -30.69 -19.20
CA THR B 47 7.17 -30.05 -18.97
C THR B 47 7.13 -28.60 -19.44
N TRP B 48 8.25 -27.91 -19.26
CA TRP B 48 8.33 -26.51 -19.63
C TRP B 48 9.44 -26.26 -20.66
N GLU B 49 10.57 -26.94 -20.49
CA GLU B 49 11.67 -26.76 -21.43
C GLU B 49 12.07 -28.07 -22.08
N TRP B 50 12.21 -28.04 -23.40
CA TRP B 50 12.56 -29.21 -24.20
C TRP B 50 13.29 -30.34 -23.47
N ASN B 51 14.43 -30.02 -22.87
CA ASN B 51 15.21 -31.04 -22.17
C ASN B 51 14.84 -31.25 -20.71
N ASP B 52 13.68 -30.72 -20.30
CA ASP B 52 13.19 -30.88 -18.93
C ASP B 52 13.29 -32.36 -18.59
N VAL B 53 12.92 -33.16 -19.58
CA VAL B 53 12.95 -34.62 -19.48
C VAL B 53 14.35 -35.08 -19.07
N THR B 54 15.37 -34.51 -19.70
CA THR B 54 16.76 -34.87 -19.43
C THR B 54 17.22 -34.38 -18.06
N LEU B 55 16.83 -33.15 -17.73
CA LEU B 55 17.19 -32.55 -16.45
C LEU B 55 16.51 -33.25 -15.30
N TYR B 56 15.25 -33.63 -15.51
CA TYR B 56 14.49 -34.34 -14.48
C TYR B 56 15.30 -35.53 -14.00
N GLY B 57 16.02 -36.15 -14.93
CA GLY B 57 16.83 -37.31 -14.61
C GLY B 57 18.09 -36.93 -13.86
N MET B 58 18.90 -36.06 -14.47
CA MET B 58 20.16 -35.61 -13.86
C MET B 58 19.96 -35.42 -12.36
N LEU B 59 18.79 -34.89 -12.03
CA LEU B 59 18.42 -34.64 -10.66
C LEU B 59 18.32 -35.94 -9.86
N ASN B 60 17.23 -36.67 -10.08
CA ASN B 60 16.97 -37.92 -9.38
C ASN B 60 18.17 -38.88 -9.35
N THR B 61 19.09 -38.66 -10.29
CA THR B 61 20.31 -39.45 -10.41
C THR B 61 21.25 -39.19 -9.24
N LEU B 62 20.99 -38.11 -8.51
CA LEU B 62 21.79 -37.73 -7.35
C LEU B 62 21.42 -38.67 -6.22
N LYS B 63 20.16 -39.09 -6.20
CA LYS B 63 19.63 -39.98 -5.17
C LYS B 63 20.38 -41.31 -5.05
N ASN B 64 21.07 -41.70 -6.13
CA ASN B 64 21.81 -42.97 -6.14
C ASN B 64 22.68 -43.10 -4.89
N ARG B 65 23.64 -42.18 -4.74
CA ARG B 65 24.54 -42.21 -3.59
C ARG B 65 23.80 -41.81 -2.30
N ASN B 66 22.91 -40.84 -2.41
CA ASN B 66 22.10 -40.36 -1.28
C ASN B 66 20.65 -40.72 -1.56
N PRO B 67 20.20 -41.90 -1.09
CA PRO B 67 18.82 -42.37 -1.28
C PRO B 67 17.91 -41.68 -0.26
N ASN B 68 18.56 -41.17 0.79
CA ASN B 68 17.89 -40.47 1.88
C ASN B 68 17.30 -39.15 1.35
N LEU B 69 17.78 -38.72 0.19
CA LEU B 69 17.34 -37.49 -0.46
C LEU B 69 15.97 -37.61 -1.14
N LYS B 70 15.20 -36.52 -1.12
CA LYS B 70 13.87 -36.46 -1.73
C LYS B 70 13.80 -35.25 -2.65
N THR B 71 13.01 -35.35 -3.72
CA THR B 71 12.88 -34.25 -4.67
C THR B 71 11.45 -34.07 -5.16
N LEU B 72 11.00 -32.82 -5.23
CA LEU B 72 9.65 -32.52 -5.70
C LEU B 72 9.73 -31.75 -7.02
N LEU B 73 8.57 -31.50 -7.60
CA LEU B 73 8.47 -30.74 -8.84
C LEU B 73 7.47 -29.64 -8.55
N SER B 74 7.85 -28.40 -8.80
CA SER B 74 6.94 -27.31 -8.53
C SER B 74 6.27 -26.87 -9.80
N VAL B 75 5.01 -26.50 -9.69
CA VAL B 75 4.27 -26.07 -10.85
C VAL B 75 3.70 -24.68 -10.57
N GLY B 76 3.90 -23.78 -11.51
CA GLY B 76 3.43 -22.41 -11.34
C GLY B 76 4.66 -21.53 -11.34
N GLY B 77 4.63 -20.44 -10.55
CA GLY B 77 5.77 -19.56 -10.51
C GLY B 77 5.34 -18.14 -10.80
N TRP B 78 6.19 -17.16 -10.50
CA TRP B 78 5.86 -15.75 -10.73
C TRP B 78 5.39 -15.47 -12.15
N ASN B 79 6.16 -15.95 -13.13
CA ASN B 79 5.80 -15.77 -14.54
C ASN B 79 4.91 -16.95 -14.94
N PHE B 80 3.62 -16.79 -14.71
CA PHE B 80 2.66 -17.85 -15.01
C PHE B 80 1.30 -17.24 -14.71
N GLY B 81 1.30 -16.21 -13.87
CA GLY B 81 0.07 -15.52 -13.51
C GLY B 81 -1.02 -16.37 -12.90
N SER B 82 -1.95 -15.71 -12.20
CA SER B 82 -3.05 -16.40 -11.56
C SER B 82 -4.17 -16.69 -12.56
N GLN B 83 -4.22 -15.93 -13.65
CA GLN B 83 -5.24 -16.12 -14.67
C GLN B 83 -5.42 -17.62 -14.96
N ARG B 84 -4.34 -18.25 -15.42
CA ARG B 84 -4.33 -19.67 -15.74
C ARG B 84 -4.92 -20.49 -14.59
N PHE B 85 -4.10 -20.78 -13.58
CA PHE B 85 -4.52 -21.54 -12.41
C PHE B 85 -5.99 -21.32 -12.05
N SER B 86 -6.37 -20.05 -11.87
CA SER B 86 -7.75 -19.69 -11.50
C SER B 86 -8.82 -20.34 -12.37
N LYS B 87 -8.71 -20.14 -13.69
CA LYS B 87 -9.65 -20.71 -14.66
C LYS B 87 -9.80 -22.21 -14.47
N ILE B 88 -8.69 -22.85 -14.11
CA ILE B 88 -8.64 -24.28 -13.90
C ILE B 88 -9.30 -24.70 -12.59
N ALA B 89 -8.78 -24.20 -11.47
CA ALA B 89 -9.30 -24.53 -10.15
C ALA B 89 -10.71 -24.01 -9.91
N SER B 90 -11.18 -23.13 -10.79
CA SER B 90 -12.53 -22.59 -10.66
C SER B 90 -13.58 -23.57 -11.18
N ASN B 91 -13.28 -24.24 -12.29
CA ASN B 91 -14.20 -25.21 -12.87
C ASN B 91 -13.92 -26.62 -12.34
N THR B 92 -14.96 -27.29 -11.83
CA THR B 92 -14.82 -28.66 -11.33
C THR B 92 -14.31 -29.52 -12.47
N GLN B 93 -14.51 -28.99 -13.68
CA GLN B 93 -14.13 -29.63 -14.93
C GLN B 93 -12.64 -29.77 -15.16
N SER B 94 -11.91 -28.66 -15.03
CA SER B 94 -10.50 -28.71 -15.31
C SER B 94 -9.56 -29.20 -14.20
N ARG B 95 -10.01 -29.23 -12.95
CA ARG B 95 -9.12 -29.68 -11.89
C ARG B 95 -8.94 -31.20 -11.81
N ARG B 96 -10.05 -31.95 -11.83
CA ARG B 96 -9.97 -33.42 -11.77
C ARG B 96 -8.98 -33.87 -12.83
N THR B 97 -8.98 -33.11 -13.92
CA THR B 97 -8.11 -33.39 -15.05
C THR B 97 -6.65 -33.36 -14.60
N PHE B 98 -6.19 -32.15 -14.26
CA PHE B 98 -4.84 -31.94 -13.79
C PHE B 98 -4.56 -32.84 -12.58
N ILE B 99 -5.46 -32.78 -11.59
CA ILE B 99 -5.31 -33.60 -10.39
C ILE B 99 -5.07 -35.07 -10.73
N LYS B 100 -5.82 -35.59 -11.69
CA LYS B 100 -5.66 -36.99 -12.07
C LYS B 100 -4.33 -37.23 -12.77
N SER B 101 -3.91 -36.24 -13.56
CA SER B 101 -2.66 -36.33 -14.32
C SER B 101 -1.37 -36.31 -13.52
N VAL B 102 -1.41 -35.69 -12.34
CA VAL B 102 -0.22 -35.55 -11.51
C VAL B 102 0.52 -36.82 -11.05
N PRO B 103 -0.11 -37.64 -10.20
CA PRO B 103 0.54 -38.86 -9.69
C PRO B 103 1.32 -39.69 -10.71
N PRO B 104 0.74 -39.94 -11.88
CA PRO B 104 1.51 -40.74 -12.85
C PRO B 104 2.79 -40.00 -13.28
N PHE B 105 2.60 -38.82 -13.87
CA PHE B 105 3.67 -37.96 -14.35
C PHE B 105 4.86 -37.93 -13.40
N LEU B 106 4.57 -37.78 -12.10
CA LEU B 106 5.62 -37.73 -11.10
C LEU B 106 6.48 -38.98 -11.05
N ARG B 107 5.88 -40.11 -10.67
CA ARG B 107 6.62 -41.35 -10.53
C ARG B 107 7.20 -41.84 -11.86
N THR B 108 6.72 -41.25 -12.95
CA THR B 108 7.19 -41.59 -14.29
C THR B 108 8.61 -41.02 -14.45
N HIS B 109 8.81 -39.82 -13.93
CA HIS B 109 10.09 -39.11 -14.03
C HIS B 109 11.01 -39.16 -12.80
N GLY B 110 10.54 -39.72 -11.70
CA GLY B 110 11.39 -39.85 -10.54
C GLY B 110 11.16 -38.91 -9.37
N PHE B 111 10.25 -37.95 -9.50
CA PHE B 111 10.00 -37.03 -8.40
C PHE B 111 9.28 -37.71 -7.24
N ASP B 112 9.47 -37.17 -6.03
CA ASP B 112 8.87 -37.73 -4.81
C ASP B 112 7.60 -37.05 -4.32
N GLY B 113 7.16 -36.00 -5.02
CA GLY B 113 5.95 -35.32 -4.60
C GLY B 113 5.72 -34.08 -5.46
N LEU B 114 4.69 -33.30 -5.12
CA LEU B 114 4.37 -32.08 -5.85
C LEU B 114 4.46 -30.82 -4.98
N ASP B 115 4.71 -29.68 -5.63
CA ASP B 115 4.83 -28.40 -4.93
C ASP B 115 4.01 -27.33 -5.66
N LEU B 116 2.98 -26.83 -4.99
CA LEU B 116 2.13 -25.82 -5.60
C LEU B 116 2.69 -24.42 -5.36
N ALA B 117 2.90 -23.70 -6.45
CA ALA B 117 3.44 -22.35 -6.39
C ALA B 117 2.54 -21.41 -7.19
N TRP B 118 1.27 -21.35 -6.80
CA TRP B 118 0.31 -20.49 -7.48
C TRP B 118 0.46 -19.08 -6.94
N LEU B 119 1.09 -18.21 -7.73
CA LEU B 119 1.28 -16.83 -7.30
C LEU B 119 0.40 -15.87 -8.09
N TYR B 120 -0.73 -15.46 -7.49
CA TYR B 120 -1.16 -15.90 -6.16
C TYR B 120 -2.67 -16.05 -6.23
N PRO B 121 -3.22 -17.05 -5.51
CA PRO B 121 -4.67 -17.29 -5.50
C PRO B 121 -5.45 -16.01 -5.25
N GLY B 122 -6.15 -15.50 -6.25
CA GLY B 122 -6.90 -14.27 -6.03
C GLY B 122 -7.84 -14.40 -4.84
N ARG B 123 -8.54 -13.32 -4.50
CA ARG B 123 -9.48 -13.37 -3.38
C ARG B 123 -10.65 -14.29 -3.79
N ARG B 124 -10.91 -14.35 -5.09
CA ARG B 124 -11.97 -15.19 -5.62
C ARG B 124 -11.50 -16.62 -5.87
N ASP B 125 -10.42 -17.02 -5.21
CA ASP B 125 -9.91 -18.37 -5.38
C ASP B 125 -9.38 -18.95 -4.09
N LYS B 126 -9.61 -18.24 -2.98
CA LYS B 126 -9.18 -18.70 -1.67
C LYS B 126 -9.79 -20.06 -1.40
N GLN B 127 -11.10 -20.15 -1.51
CA GLN B 127 -11.80 -21.41 -1.27
C GLN B 127 -11.42 -22.41 -2.35
N HIS B 128 -11.42 -21.96 -3.60
CA HIS B 128 -11.04 -22.85 -4.70
C HIS B 128 -9.67 -23.47 -4.43
N PHE B 129 -8.76 -22.65 -3.89
CA PHE B 129 -7.39 -23.11 -3.59
C PHE B 129 -7.39 -24.19 -2.49
N THR B 130 -8.25 -24.03 -1.48
CA THR B 130 -8.35 -25.00 -0.38
C THR B 130 -8.73 -26.39 -0.91
N THR B 131 -9.68 -26.40 -1.85
CA THR B 131 -10.17 -27.62 -2.46
C THR B 131 -9.11 -28.34 -3.28
N LEU B 132 -8.44 -27.59 -4.15
CA LEU B 132 -7.40 -28.15 -5.01
C LEU B 132 -6.34 -28.87 -4.17
N ILE B 133 -6.01 -28.28 -3.01
CA ILE B 133 -5.03 -28.87 -2.08
C ILE B 133 -5.59 -30.19 -1.54
N LYS B 134 -6.84 -30.14 -1.09
CA LYS B 134 -7.53 -31.30 -0.54
C LYS B 134 -7.62 -32.46 -1.52
N GLU B 135 -8.37 -32.27 -2.59
CA GLU B 135 -8.55 -33.32 -3.58
C GLU B 135 -7.20 -33.82 -4.10
N MET B 136 -6.22 -32.94 -4.16
CA MET B 136 -4.89 -33.30 -4.66
C MET B 136 -4.19 -34.26 -3.69
N LYS B 137 -4.37 -34.06 -2.39
CA LYS B 137 -3.77 -34.93 -1.38
C LYS B 137 -4.47 -36.29 -1.46
N ALA B 138 -5.80 -36.26 -1.55
CA ALA B 138 -6.62 -37.46 -1.65
C ALA B 138 -6.06 -38.37 -2.73
N GLU B 139 -5.99 -37.82 -3.94
CA GLU B 139 -5.47 -38.56 -5.09
C GLU B 139 -4.12 -39.17 -4.73
N PHE B 140 -3.27 -38.36 -4.12
CA PHE B 140 -1.93 -38.79 -3.72
C PHE B 140 -2.00 -39.96 -2.74
N ILE B 141 -3.01 -39.97 -1.88
CA ILE B 141 -3.16 -41.04 -0.91
C ILE B 141 -3.50 -42.39 -1.56
N LYS B 142 -4.57 -42.39 -2.37
CA LYS B 142 -4.98 -43.60 -3.04
C LYS B 142 -3.85 -44.18 -3.88
N GLU B 143 -3.33 -43.38 -4.80
CA GLU B 143 -2.24 -43.84 -5.67
C GLU B 143 -1.17 -44.69 -4.98
N ALA B 144 -0.98 -44.51 -3.67
CA ALA B 144 0.05 -45.27 -2.95
C ALA B 144 -0.44 -46.29 -1.93
N GLN B 145 -1.75 -46.51 -1.87
CA GLN B 145 -2.33 -47.46 -0.90
C GLN B 145 -1.79 -48.90 -0.91
N PRO B 146 -1.42 -49.44 -2.10
CA PRO B 146 -0.89 -50.81 -2.17
C PRO B 146 0.19 -51.10 -1.13
N GLY B 147 1.17 -50.21 -1.05
CA GLY B 147 2.25 -50.39 -0.10
C GLY B 147 3.51 -49.72 -0.65
N LYS B 148 3.34 -48.50 -1.15
CA LYS B 148 4.44 -47.75 -1.73
C LYS B 148 4.52 -46.33 -1.13
N LYS B 149 5.72 -45.76 -1.11
CA LYS B 149 5.95 -44.41 -0.60
C LYS B 149 5.00 -43.41 -1.26
N GLN B 150 4.20 -42.74 -0.43
CA GLN B 150 3.24 -41.76 -0.91
C GLN B 150 3.93 -40.51 -1.45
N LEU B 151 3.23 -39.81 -2.35
CA LEU B 151 3.75 -38.58 -2.94
C LEU B 151 3.55 -37.41 -1.99
N LEU B 152 4.60 -36.61 -1.78
CA LEU B 152 4.56 -35.46 -0.89
C LEU B 152 3.89 -34.25 -1.51
N LEU B 153 3.13 -33.50 -0.72
CA LEU B 153 2.48 -32.30 -1.26
C LEU B 153 2.85 -31.06 -0.44
N SER B 154 3.37 -30.05 -1.13
CA SER B 154 3.79 -28.79 -0.51
C SER B 154 3.29 -27.61 -1.30
N ALA B 155 3.35 -26.45 -0.66
CA ALA B 155 2.94 -25.21 -1.29
C ALA B 155 3.85 -24.03 -0.86
N ALA B 156 4.20 -23.21 -1.85
CA ALA B 156 5.03 -22.03 -1.65
C ALA B 156 4.03 -20.92 -1.45
N LEU B 157 4.07 -20.28 -0.29
CA LEU B 157 3.11 -19.24 0.00
C LEU B 157 3.74 -17.89 0.24
N SER B 158 3.04 -16.86 -0.24
CA SER B 158 3.44 -15.49 -0.09
C SER B 158 3.70 -15.18 1.38
N ALA B 159 4.58 -14.23 1.65
CA ALA B 159 4.90 -13.85 3.02
C ALA B 159 4.25 -12.50 3.30
N GLY B 160 3.54 -12.00 2.31
CA GLY B 160 2.89 -10.72 2.48
C GLY B 160 1.60 -10.91 3.25
N LYS B 161 1.32 -10.00 4.18
CA LYS B 161 0.11 -10.07 4.98
C LYS B 161 -1.12 -9.89 4.12
N VAL B 162 -1.09 -8.92 3.21
CA VAL B 162 -2.25 -8.71 2.35
C VAL B 162 -2.53 -9.96 1.52
N THR B 163 -1.56 -10.35 0.71
CA THR B 163 -1.74 -11.54 -0.10
C THR B 163 -2.20 -12.73 0.73
N ILE B 164 -1.60 -12.93 1.89
CA ILE B 164 -1.97 -14.07 2.72
C ILE B 164 -3.44 -14.00 3.07
N ASP B 165 -3.87 -12.84 3.53
CA ASP B 165 -5.27 -12.63 3.91
C ASP B 165 -6.20 -12.98 2.76
N SER B 166 -6.16 -12.15 1.71
CA SER B 166 -7.03 -12.37 0.57
C SER B 166 -6.61 -13.49 -0.37
N SER B 167 -6.07 -14.59 0.17
CA SER B 167 -5.63 -15.70 -0.68
C SER B 167 -5.59 -17.10 -0.05
N TYR B 168 -5.36 -17.19 1.25
CA TYR B 168 -5.28 -18.50 1.89
C TYR B 168 -6.18 -18.69 3.09
N ASP B 169 -6.41 -19.96 3.39
CA ASP B 169 -7.17 -20.37 4.56
C ASP B 169 -6.16 -21.34 5.16
N ILE B 170 -5.16 -20.74 5.78
CA ILE B 170 -4.05 -21.44 6.41
C ILE B 170 -4.62 -22.52 7.32
N ALA B 171 -5.56 -22.09 8.15
CA ALA B 171 -6.21 -22.95 9.12
C ALA B 171 -6.49 -24.33 8.57
N LYS B 172 -7.07 -24.40 7.39
CA LYS B 172 -7.41 -25.69 6.78
C LYS B 172 -6.39 -26.33 5.84
N ILE B 173 -5.79 -25.54 4.96
CA ILE B 173 -4.82 -26.10 4.01
C ILE B 173 -3.63 -26.79 4.67
N SER B 174 -3.25 -26.33 5.86
CA SER B 174 -2.12 -26.91 6.57
C SER B 174 -2.33 -28.40 6.89
N GLN B 175 -3.59 -28.82 6.91
CA GLN B 175 -3.94 -30.21 7.19
C GLN B 175 -3.42 -31.17 6.13
N HIS B 176 -3.63 -30.80 4.87
CA HIS B 176 -3.23 -31.64 3.74
C HIS B 176 -1.76 -31.52 3.33
N LEU B 177 -1.28 -30.29 3.19
CA LEU B 177 0.11 -30.01 2.79
C LEU B 177 1.14 -30.66 3.72
N ASP B 178 2.08 -31.43 3.16
CA ASP B 178 3.11 -32.05 3.99
C ASP B 178 4.00 -30.97 4.62
N PHE B 179 4.13 -29.84 3.92
CA PHE B 179 4.91 -28.71 4.42
C PHE B 179 4.70 -27.44 3.60
N ILE B 180 4.76 -26.32 4.30
CA ILE B 180 4.60 -25.01 3.68
C ILE B 180 5.91 -24.26 3.69
N SER B 181 6.24 -23.66 2.55
CA SER B 181 7.44 -22.85 2.44
C SER B 181 6.93 -21.41 2.35
N ILE B 182 7.20 -20.60 3.37
CA ILE B 182 6.77 -19.21 3.32
C ILE B 182 7.91 -18.39 2.68
N MET B 183 7.57 -17.68 1.61
CA MET B 183 8.54 -16.88 0.84
C MET B 183 8.90 -15.59 1.53
N THR B 184 9.70 -15.68 2.59
CA THR B 184 10.10 -14.51 3.37
C THR B 184 11.23 -13.69 2.74
N TYR B 185 10.99 -13.17 1.53
CA TYR B 185 11.94 -12.34 0.80
C TYR B 185 11.11 -11.56 -0.21
N ASP B 186 11.75 -10.75 -1.04
CA ASP B 186 11.04 -9.94 -2.02
C ASP B 186 10.05 -8.99 -1.34
N PHE B 187 10.43 -8.44 -0.21
CA PHE B 187 9.54 -7.53 0.53
C PHE B 187 9.54 -6.05 0.05
N HIS B 188 10.72 -5.48 -0.21
CA HIS B 188 10.84 -4.07 -0.60
C HIS B 188 11.00 -3.86 -2.11
N GLY B 189 9.88 -3.70 -2.81
CA GLY B 189 9.92 -3.50 -4.25
C GLY B 189 10.46 -2.12 -4.60
N ALA B 190 11.25 -2.04 -5.68
CA ALA B 190 11.88 -0.80 -6.14
C ALA B 190 10.90 0.32 -6.53
N TRP B 191 9.67 0.25 -6.02
CA TRP B 191 8.66 1.26 -6.35
C TRP B 191 8.14 2.14 -5.21
N ARG B 192 9.06 2.67 -4.39
CA ARG B 192 8.67 3.62 -3.33
C ARG B 192 9.76 4.70 -3.32
N GLY B 193 10.70 4.51 -4.25
CA GLY B 193 11.77 5.47 -4.43
C GLY B 193 12.85 5.55 -3.39
N THR B 194 12.98 4.53 -2.56
CA THR B 194 14.04 4.52 -1.55
C THR B 194 14.60 3.12 -1.40
N THR B 195 15.81 3.04 -0.84
CA THR B 195 16.45 1.76 -0.61
C THR B 195 15.78 1.07 0.60
N GLY B 196 15.73 -0.25 0.53
CA GLY B 196 15.19 -1.04 1.61
C GLY B 196 15.62 -2.47 1.37
N HIS B 197 15.91 -3.20 2.42
CA HIS B 197 16.33 -4.59 2.28
C HIS B 197 15.10 -5.46 2.03
N HIS B 198 15.20 -6.36 1.07
CA HIS B 198 14.05 -7.20 0.72
C HIS B 198 13.84 -8.42 1.61
N SER B 199 14.79 -8.71 2.49
CA SER B 199 14.63 -9.87 3.33
C SER B 199 15.13 -9.65 4.77
N PRO B 200 14.59 -8.62 5.42
CA PRO B 200 15.01 -8.37 6.80
C PRO B 200 14.46 -9.46 7.74
N LEU B 201 15.17 -9.76 8.81
CA LEU B 201 14.69 -10.80 9.74
C LEU B 201 13.58 -10.21 10.60
N PHE B 202 13.82 -8.97 11.05
CA PHE B 202 12.90 -8.19 11.87
C PHE B 202 12.67 -6.86 11.16
N ARG B 203 11.78 -6.03 11.70
CA ARG B 203 11.48 -4.73 11.12
C ARG B 203 12.59 -3.69 11.33
N GLY B 204 13.30 -3.82 12.45
CA GLY B 204 14.36 -2.85 12.77
C GLY B 204 13.79 -1.49 13.12
N GLN B 205 14.57 -0.42 12.94
CA GLN B 205 14.12 0.93 13.25
C GLN B 205 12.71 1.18 12.77
N GLU B 206 11.85 1.49 13.74
CA GLU B 206 10.43 1.74 13.55
C GLU B 206 10.03 2.77 12.48
N ASP B 207 10.69 3.92 12.45
CA ASP B 207 10.31 4.91 11.45
C ASP B 207 11.12 4.86 10.15
N ALA B 208 11.87 3.79 9.93
CA ALA B 208 12.66 3.67 8.70
C ALA B 208 11.95 2.79 7.70
N SER B 209 10.89 2.14 8.15
CA SER B 209 10.12 1.26 7.30
C SER B 209 8.67 1.68 7.14
N PRO B 210 8.06 1.36 5.99
CA PRO B 210 6.66 1.73 5.76
C PRO B 210 5.76 1.07 6.80
N ASP B 211 5.46 -0.20 6.59
CA ASP B 211 4.60 -0.95 7.51
C ASP B 211 5.47 -1.86 8.32
N ARG B 212 4.88 -2.52 9.32
CA ARG B 212 5.62 -3.45 10.16
C ARG B 212 5.42 -4.88 9.71
N PHE B 213 4.73 -5.06 8.58
CA PHE B 213 4.43 -6.39 8.05
C PHE B 213 5.52 -6.95 7.14
N SER B 214 6.22 -6.07 6.43
CA SER B 214 7.23 -6.48 5.46
C SER B 214 8.55 -7.01 5.96
N ASN B 215 8.54 -8.09 6.74
CA ASN B 215 9.74 -8.71 7.28
C ASN B 215 9.45 -10.15 7.70
N THR B 216 10.50 -10.96 7.68
CA THR B 216 10.45 -12.37 7.99
C THR B 216 9.75 -12.74 9.29
N ASP B 217 10.16 -12.11 10.40
CA ASP B 217 9.57 -12.40 11.71
C ASP B 217 8.05 -12.20 11.72
N TYR B 218 7.58 -11.08 11.23
CA TYR B 218 6.17 -10.83 11.21
C TYR B 218 5.42 -11.93 10.44
N ALA B 219 5.85 -12.16 9.19
CA ALA B 219 5.22 -13.18 8.36
C ALA B 219 5.22 -14.54 9.05
N VAL B 220 6.34 -14.94 9.66
CA VAL B 220 6.39 -16.23 10.32
C VAL B 220 5.39 -16.30 11.47
N GLY B 221 5.43 -15.32 12.36
CA GLY B 221 4.53 -15.29 13.48
C GLY B 221 3.10 -15.38 12.99
N TYR B 222 2.78 -14.55 12.01
CA TYR B 222 1.44 -14.49 11.44
C TYR B 222 0.94 -15.83 10.90
N MET B 223 1.69 -16.43 9.99
CA MET B 223 1.25 -17.70 9.44
C MET B 223 0.97 -18.68 10.57
N LEU B 224 1.78 -18.63 11.62
CA LEU B 224 1.61 -19.52 12.77
C LEU B 224 0.34 -19.22 13.55
N ARG B 225 0.08 -17.93 13.78
CA ARG B 225 -1.08 -17.52 14.53
C ARG B 225 -2.32 -18.12 13.91
N LEU B 226 -2.41 -18.05 12.58
CA LEU B 226 -3.56 -18.63 11.93
C LEU B 226 -3.34 -20.05 11.41
N GLY B 227 -3.45 -21.01 12.32
CA GLY B 227 -3.35 -22.42 11.98
C GLY B 227 -2.06 -23.10 11.62
N ALA B 228 -1.11 -22.38 11.04
CA ALA B 228 0.14 -23.02 10.67
C ALA B 228 0.82 -23.70 11.87
N PRO B 229 1.26 -24.95 11.70
CA PRO B 229 1.95 -25.72 12.75
C PRO B 229 3.45 -25.67 12.47
N ALA B 230 4.20 -25.07 13.39
CA ALA B 230 5.65 -24.95 13.24
C ALA B 230 6.26 -26.23 12.67
N SER B 231 5.72 -27.37 13.06
CA SER B 231 6.21 -28.67 12.60
C SER B 231 6.08 -28.88 11.10
N LYS B 232 5.31 -28.01 10.44
CA LYS B 232 5.10 -28.09 8.99
C LYS B 232 5.53 -26.83 8.23
N LEU B 233 5.99 -25.82 8.96
CA LEU B 233 6.39 -24.56 8.36
C LEU B 233 7.87 -24.50 8.00
N VAL B 234 8.15 -24.16 6.73
CA VAL B 234 9.53 -24.03 6.23
C VAL B 234 9.76 -22.55 5.87
N MET B 235 10.80 -21.96 6.41
CA MET B 235 11.08 -20.53 6.23
C MET B 235 11.98 -20.19 5.06
N GLY B 236 11.51 -19.30 4.20
CA GLY B 236 12.31 -18.94 3.05
C GLY B 236 13.49 -18.02 3.31
N ILE B 237 14.65 -18.42 2.82
CA ILE B 237 15.88 -17.63 2.91
C ILE B 237 16.40 -17.50 1.48
N PRO B 238 16.53 -16.26 0.98
CA PRO B 238 17.02 -15.96 -0.37
C PRO B 238 18.53 -16.00 -0.46
N THR B 239 19.05 -16.38 -1.63
CA THR B 239 20.48 -16.41 -1.88
C THR B 239 20.81 -15.36 -2.92
N PHE B 240 19.79 -14.63 -3.34
CA PHE B 240 19.97 -13.57 -4.31
C PHE B 240 19.69 -12.27 -3.56
N GLY B 241 20.11 -11.14 -4.14
CA GLY B 241 19.87 -9.87 -3.49
C GLY B 241 19.03 -8.97 -4.38
N ARG B 242 18.40 -7.96 -3.77
CA ARG B 242 17.60 -6.98 -4.51
C ARG B 242 18.42 -5.69 -4.58
N SER B 243 18.55 -5.14 -5.78
CA SER B 243 19.38 -3.98 -5.98
C SER B 243 18.68 -2.74 -6.51
N PHE B 244 19.30 -1.60 -6.28
CA PHE B 244 18.77 -0.33 -6.76
C PHE B 244 19.91 0.55 -7.31
N THR B 245 19.50 1.58 -8.06
CA THR B 245 20.43 2.59 -8.59
C THR B 245 20.16 3.82 -7.72
N LEU B 246 21.17 4.26 -6.97
CA LEU B 246 21.00 5.43 -6.10
C LEU B 246 20.79 6.71 -6.90
N ALA B 247 20.04 7.64 -6.35
CA ALA B 247 19.79 8.90 -7.02
C ALA B 247 20.57 10.04 -6.38
N SER B 248 21.32 9.76 -5.32
CA SER B 248 22.08 10.80 -4.65
C SER B 248 23.29 10.25 -3.90
N SER B 249 23.96 11.12 -3.16
CA SER B 249 25.12 10.68 -2.40
C SER B 249 24.69 9.91 -1.15
N GLU B 250 23.40 9.97 -0.77
CA GLU B 250 22.92 9.21 0.41
C GLU B 250 22.87 7.72 0.06
N THR B 251 23.39 6.89 0.97
CA THR B 251 23.46 5.44 0.75
C THR B 251 22.89 4.58 1.86
N GLY B 252 22.26 5.18 2.86
CA GLY B 252 21.70 4.38 3.93
C GLY B 252 20.37 3.76 3.53
N VAL B 253 19.69 3.15 4.50
CA VAL B 253 18.36 2.57 4.29
C VAL B 253 17.38 3.74 4.15
N GLY B 254 16.53 3.72 3.12
CA GLY B 254 15.61 4.83 2.92
C GLY B 254 16.19 5.88 2.00
N ALA B 255 17.36 5.61 1.46
CA ALA B 255 18.03 6.55 0.55
C ALA B 255 17.26 6.61 -0.76
N PRO B 256 17.19 7.80 -1.40
CA PRO B 256 16.44 7.82 -2.66
C PRO B 256 17.12 7.07 -3.80
N ILE B 257 16.30 6.38 -4.60
CA ILE B 257 16.75 5.60 -5.75
C ILE B 257 16.08 6.10 -7.05
N SER B 258 16.65 5.76 -8.19
CA SER B 258 16.08 6.16 -9.47
C SER B 258 15.51 4.91 -10.18
N GLY B 259 15.70 3.74 -9.58
CA GLY B 259 15.17 2.54 -10.19
C GLY B 259 15.87 1.30 -9.69
N PRO B 260 15.73 0.17 -10.40
CA PRO B 260 16.37 -1.08 -10.00
C PRO B 260 17.86 -1.01 -10.30
N GLY B 261 18.62 -1.95 -9.73
CA GLY B 261 20.04 -1.92 -9.95
C GLY B 261 20.45 -2.41 -11.32
N ILE B 262 21.67 -2.08 -11.69
CA ILE B 262 22.23 -2.48 -12.96
C ILE B 262 22.21 -4.00 -12.96
N PRO B 263 21.81 -4.60 -14.09
CA PRO B 263 21.74 -6.07 -14.19
C PRO B 263 23.06 -6.80 -13.96
N GLY B 264 22.96 -7.97 -13.34
CA GLY B 264 24.14 -8.78 -13.08
C GLY B 264 24.63 -9.38 -14.38
N ARG B 265 25.91 -9.72 -14.41
CA ARG B 265 26.52 -10.27 -15.61
C ARG B 265 25.97 -11.62 -16.05
N PHE B 266 25.60 -12.46 -15.09
CA PHE B 266 25.06 -13.75 -15.45
C PHE B 266 23.55 -13.86 -15.38
N THR B 267 22.93 -13.22 -14.39
CA THR B 267 21.47 -13.33 -14.26
C THR B 267 20.73 -12.31 -15.10
N LYS B 268 21.44 -11.26 -15.51
CA LYS B 268 20.89 -10.20 -16.37
C LYS B 268 19.42 -9.94 -16.11
N GLU B 269 19.13 -9.13 -15.11
CA GLU B 269 17.77 -8.80 -14.73
C GLU B 269 17.82 -7.69 -13.69
N ALA B 270 17.62 -6.47 -14.16
CA ALA B 270 17.63 -5.28 -13.30
C ALA B 270 16.91 -5.51 -11.97
N GLY B 271 17.60 -5.22 -10.86
CA GLY B 271 16.96 -5.39 -9.56
C GLY B 271 17.37 -6.68 -8.87
N THR B 272 18.05 -7.55 -9.61
CA THR B 272 18.48 -8.82 -9.07
C THR B 272 19.98 -9.03 -9.19
N LEU B 273 20.54 -9.81 -8.23
CA LEU B 273 21.95 -10.20 -8.23
C LEU B 273 22.06 -11.51 -7.47
N ALA B 274 22.75 -12.49 -8.07
CA ALA B 274 22.95 -13.79 -7.43
C ALA B 274 24.04 -13.63 -6.38
N TYR B 275 24.12 -14.56 -5.44
CA TYR B 275 25.16 -14.46 -4.41
C TYR B 275 26.56 -14.40 -5.04
N TYR B 276 26.79 -15.24 -6.04
CA TYR B 276 28.09 -15.21 -6.70
C TYR B 276 28.36 -13.86 -7.40
N GLU B 277 27.35 -13.22 -7.98
CA GLU B 277 27.60 -11.90 -8.58
C GLU B 277 27.81 -10.87 -7.46
N ILE B 278 27.13 -11.04 -6.32
CA ILE B 278 27.29 -10.10 -5.21
C ILE B 278 28.75 -10.13 -4.71
N CYS B 279 29.29 -11.35 -4.58
CA CYS B 279 30.67 -11.56 -4.14
C CYS B 279 31.62 -10.81 -5.05
N ASP B 280 31.19 -10.60 -6.30
CA ASP B 280 31.97 -9.84 -7.27
C ASP B 280 31.89 -8.39 -6.84
N PHE B 281 30.64 -7.90 -6.78
CA PHE B 281 30.29 -6.52 -6.39
C PHE B 281 31.01 -6.13 -5.11
N LEU B 282 31.13 -7.08 -4.18
CA LEU B 282 31.74 -6.82 -2.89
C LEU B 282 33.15 -6.29 -2.94
N ARG B 283 33.86 -6.53 -4.05
CA ARG B 283 35.22 -6.02 -4.20
C ARG B 283 35.20 -4.49 -4.38
N GLY B 284 35.63 -3.77 -3.35
CA GLY B 284 35.61 -2.32 -3.43
C GLY B 284 34.32 -1.72 -2.86
N ALA B 285 33.42 -2.58 -2.40
CA ALA B 285 32.16 -2.09 -1.86
C ALA B 285 32.22 -1.92 -0.35
N THR B 286 31.25 -1.21 0.21
CA THR B 286 31.19 -1.10 1.65
C THR B 286 29.93 -1.86 2.11
N VAL B 287 30.10 -2.73 3.07
CA VAL B 287 29.01 -3.51 3.62
C VAL B 287 28.57 -2.86 4.94
N HIS B 288 27.27 -2.90 5.21
CA HIS B 288 26.73 -2.37 6.45
C HIS B 288 25.73 -3.38 6.98
N ARG B 289 25.86 -3.77 8.24
CA ARG B 289 24.90 -4.72 8.78
C ARG B 289 23.78 -3.81 9.29
N ILE B 290 22.56 -4.02 8.79
CA ILE B 290 21.45 -3.19 9.25
C ILE B 290 21.09 -3.62 10.67
N LEU B 291 21.05 -2.67 11.59
CA LEU B 291 20.71 -2.96 12.99
C LEU B 291 19.23 -3.27 13.15
N GLY B 292 18.92 -4.33 13.85
CA GLY B 292 17.51 -4.64 14.00
C GLY B 292 17.04 -5.56 12.89
N GLN B 293 17.51 -5.37 11.66
CA GLN B 293 17.05 -6.28 10.62
C GLN B 293 17.96 -7.52 10.51
N GLN B 294 19.14 -7.45 11.14
CA GLN B 294 20.10 -8.56 11.13
C GLN B 294 20.55 -8.99 9.72
N VAL B 295 20.61 -8.04 8.79
CA VAL B 295 20.99 -8.37 7.42
C VAL B 295 21.86 -7.29 6.82
N PRO B 296 22.76 -7.68 5.91
CA PRO B 296 23.65 -6.69 5.28
C PRO B 296 23.14 -6.09 3.98
N TYR B 297 23.63 -4.91 3.65
CA TYR B 297 23.39 -4.32 2.36
C TYR B 297 24.81 -3.89 1.97
N ALA B 298 25.07 -3.77 0.67
CA ALA B 298 26.37 -3.29 0.20
C ALA B 298 26.16 -2.11 -0.76
N THR B 299 27.11 -1.19 -0.81
CA THR B 299 26.98 -0.09 -1.74
C THR B 299 28.34 0.28 -2.34
N LYS B 300 28.28 0.69 -3.61
CA LYS B 300 29.47 1.03 -4.39
C LYS B 300 28.97 1.88 -5.56
N GLY B 301 29.53 3.07 -5.71
CA GLY B 301 29.05 3.93 -6.78
C GLY B 301 27.55 4.18 -6.66
N ASN B 302 26.83 4.22 -7.77
CA ASN B 302 25.39 4.47 -7.70
C ASN B 302 24.54 3.21 -7.51
N GLN B 303 25.16 2.16 -6.98
CA GLN B 303 24.54 0.89 -6.77
C GLN B 303 24.41 0.51 -5.29
N TRP B 304 23.31 -0.16 -4.95
CA TRP B 304 23.00 -0.55 -3.57
C TRP B 304 22.28 -1.89 -3.68
N VAL B 305 22.68 -2.84 -2.87
CA VAL B 305 22.01 -4.12 -2.94
C VAL B 305 21.90 -4.67 -1.53
N GLY B 306 20.71 -5.17 -1.22
CA GLY B 306 20.43 -5.79 0.07
C GLY B 306 20.41 -7.29 -0.12
N TYR B 307 21.27 -8.02 0.60
CA TYR B 307 21.40 -9.46 0.44
C TYR B 307 21.56 -10.24 1.75
N ASP B 308 21.87 -11.53 1.64
CA ASP B 308 22.10 -12.40 2.79
C ASP B 308 23.51 -13.02 2.67
N ASP B 309 24.27 -13.05 3.76
CA ASP B 309 25.59 -13.66 3.68
C ASP B 309 25.60 -14.78 4.67
N GLN B 310 26.76 -15.42 4.83
CA GLN B 310 26.88 -16.53 5.75
C GLN B 310 26.38 -16.15 7.12
N GLU B 311 26.82 -14.99 7.60
CA GLU B 311 26.41 -14.52 8.92
C GLU B 311 24.90 -14.32 9.07
N SER B 312 24.25 -13.63 8.11
CA SER B 312 22.80 -13.39 8.23
C SER B 312 22.00 -14.67 8.08
N VAL B 313 22.41 -15.57 7.20
CA VAL B 313 21.60 -16.79 7.12
C VAL B 313 21.69 -17.64 8.40
N LYS B 314 22.78 -17.55 9.15
CA LYS B 314 22.83 -18.32 10.40
C LYS B 314 21.83 -17.76 11.41
N SER B 315 21.70 -16.43 11.43
CA SER B 315 20.77 -15.77 12.34
C SER B 315 19.35 -16.18 12.00
N LYS B 316 19.06 -16.30 10.70
CA LYS B 316 17.72 -16.70 10.25
C LYS B 316 17.36 -18.11 10.72
N VAL B 317 18.34 -19.01 10.66
CA VAL B 317 18.18 -20.38 11.11
C VAL B 317 18.05 -20.34 12.64
N GLN B 318 19.00 -19.64 13.26
CA GLN B 318 19.01 -19.48 14.71
C GLN B 318 17.58 -19.16 15.08
N TYR B 319 17.03 -18.20 14.33
CA TYR B 319 15.66 -17.76 14.52
C TYR B 319 14.58 -18.83 14.32
N LEU B 320 14.64 -19.58 13.22
CA LEU B 320 13.59 -20.56 12.97
C LEU B 320 13.56 -21.69 14.01
N LYS B 321 14.75 -22.17 14.40
CA LYS B 321 14.85 -23.22 15.40
C LYS B 321 14.16 -22.75 16.67
N ASP B 322 14.48 -21.52 17.11
CA ASP B 322 13.88 -20.91 18.30
C ASP B 322 12.36 -20.96 18.20
N ARG B 323 11.85 -20.70 17.00
CA ARG B 323 10.41 -20.75 16.75
C ARG B 323 9.95 -22.20 16.58
N GLN B 324 10.92 -23.11 16.56
CA GLN B 324 10.65 -24.54 16.42
C GLN B 324 9.97 -24.88 15.08
N LEU B 325 10.44 -24.28 13.99
CA LEU B 325 9.86 -24.53 12.68
C LEU B 325 10.42 -25.80 12.02
N ALA B 326 9.72 -26.29 11.00
CA ALA B 326 10.09 -27.49 10.26
C ALA B 326 11.52 -27.37 9.68
N GLY B 327 11.83 -26.19 9.15
CA GLY B 327 13.16 -25.99 8.60
C GLY B 327 13.26 -24.71 7.82
N ALA B 328 14.15 -24.74 6.84
CA ALA B 328 14.36 -23.57 5.99
C ALA B 328 14.24 -23.94 4.51
N MET B 329 13.70 -23.00 3.74
CA MET B 329 13.57 -23.15 2.30
C MET B 329 14.57 -22.20 1.66
N VAL B 330 15.16 -22.61 0.53
CA VAL B 330 16.14 -21.80 -0.15
C VAL B 330 15.87 -21.48 -1.62
N TRP B 331 15.80 -20.20 -1.94
CA TRP B 331 15.64 -19.80 -3.33
C TRP B 331 16.84 -18.92 -3.72
N ALA B 332 17.73 -19.43 -4.56
CA ALA B 332 17.64 -20.78 -5.14
C ALA B 332 19.05 -21.38 -5.15
N LEU B 333 19.14 -22.66 -5.45
CA LEU B 333 20.45 -23.30 -5.46
C LEU B 333 21.38 -22.71 -6.51
N ASP B 334 20.81 -22.39 -7.67
CA ASP B 334 21.58 -21.83 -8.78
C ASP B 334 21.94 -20.36 -8.61
N LEU B 335 21.53 -19.77 -7.49
CA LEU B 335 21.82 -18.38 -7.19
C LEU B 335 22.91 -18.27 -6.10
N ASP B 336 23.10 -19.34 -5.35
CA ASP B 336 24.15 -19.43 -4.31
C ASP B 336 25.44 -19.58 -5.14
N ASP B 337 26.61 -19.55 -4.52
CA ASP B 337 27.83 -19.72 -5.30
C ASP B 337 28.02 -21.24 -5.49
N PHE B 338 27.27 -21.80 -6.45
CA PHE B 338 27.33 -23.23 -6.71
C PHE B 338 28.66 -23.66 -7.33
N GLN B 339 29.27 -22.76 -8.10
CA GLN B 339 30.56 -23.08 -8.69
C GLN B 339 31.52 -23.19 -7.50
N GLY B 340 31.32 -22.28 -6.54
CA GLY B 340 32.15 -22.25 -5.34
C GLY B 340 33.44 -21.48 -5.54
N SER B 341 33.51 -20.75 -6.64
CA SER B 341 34.73 -20.03 -6.97
C SER B 341 34.58 -18.53 -7.23
N PHE B 342 33.42 -17.95 -6.90
CA PHE B 342 33.22 -16.53 -7.11
C PHE B 342 33.49 -15.73 -5.86
N CYS B 343 33.24 -16.36 -4.71
CA CYS B 343 33.40 -15.68 -3.46
C CYS B 343 34.80 -15.71 -2.87
N GLY B 344 34.95 -16.18 -1.64
CA GLY B 344 36.28 -16.18 -1.05
C GLY B 344 37.04 -17.51 -1.13
N GLN B 345 36.59 -18.46 -0.34
CA GLN B 345 37.19 -19.78 -0.27
C GLN B 345 37.04 -20.47 -1.62
N ASP B 346 37.07 -21.79 -1.61
CA ASP B 346 36.89 -22.57 -2.83
C ASP B 346 35.70 -23.48 -2.59
N LEU B 347 34.98 -23.17 -1.51
CA LEU B 347 33.79 -23.91 -1.08
C LEU B 347 32.53 -23.61 -1.91
N ARG B 348 31.91 -24.68 -2.41
CA ARG B 348 30.69 -24.54 -3.21
C ARG B 348 29.50 -24.37 -2.26
N PHE B 349 28.44 -23.71 -2.75
CA PHE B 349 27.22 -23.48 -1.97
C PHE B 349 27.51 -22.93 -0.56
N PRO B 350 28.21 -21.77 -0.46
CA PRO B 350 28.56 -21.15 0.83
C PRO B 350 27.36 -20.81 1.71
N LEU B 351 26.36 -20.19 1.12
CA LEU B 351 25.18 -19.83 1.85
C LEU B 351 24.35 -21.04 2.27
N THR B 352 24.15 -21.97 1.35
CA THR B 352 23.33 -23.15 1.64
C THR B 352 24.02 -24.08 2.63
N ASN B 353 25.35 -24.18 2.56
CA ASN B 353 26.08 -24.99 3.52
C ASN B 353 26.07 -24.23 4.87
N ALA B 354 26.00 -22.89 4.79
CA ALA B 354 25.93 -22.07 6.01
C ALA B 354 24.61 -22.37 6.70
N ILE B 355 23.55 -22.51 5.91
CA ILE B 355 22.25 -22.83 6.45
C ILE B 355 22.22 -24.30 6.89
N LYS B 356 22.86 -25.17 6.11
CA LYS B 356 22.90 -26.58 6.48
C LYS B 356 23.58 -26.73 7.82
N ASP B 357 24.82 -26.21 7.92
CA ASP B 357 25.60 -26.27 9.15
C ASP B 357 24.89 -25.67 10.36
N ALA B 358 24.22 -24.54 10.19
CA ALA B 358 23.53 -23.96 11.32
C ALA B 358 22.39 -24.84 11.79
N LEU B 359 21.67 -25.47 10.86
CA LEU B 359 20.56 -26.32 11.25
C LEU B 359 21.01 -27.44 12.19
N ALA B 360 22.19 -28.00 11.91
CA ALA B 360 22.74 -29.09 12.69
C ALA B 360 23.35 -28.63 14.03
N ALA B 361 23.99 -27.47 14.03
CA ALA B 361 24.65 -26.94 15.23
C ALA B 361 23.80 -26.91 16.50
N THR B 362 24.48 -26.64 17.62
CA THR B 362 23.91 -26.58 18.98
C THR B 362 23.85 -27.96 19.64
#